data_7R8K
#
_entry.id   7R8K
#
_cell.length_a   199.813
_cell.length_b   199.813
_cell.length_c   199.813
_cell.angle_alpha   90.000
_cell.angle_beta   90.000
_cell.angle_gamma   90.000
#
_symmetry.space_group_name_H-M   'I 2 3'
#
_entity_poly.entity_id   1
_entity_poly.type   'polypeptide(L)'
_entity_poly.pdbx_seq_one_letter_code
;SH(MSE)TLETTLFPLEGLEGLTASYQLYAVKGLSGLDETEYHKNVNLLVRRLSFS(MSE)KAPFVALSRDGEQFIAVPN
YVTEFPVDHRVVRA(MSE)VKLVPTGEPLNLRFDAADDEYDGLRLRYLDFVLQQPLFANHHLWQPGSGQPFFHKKPLKRL
DDVDLYDGVSVRAAKHPEGGFGIVCDARSKFITHTPIGARADRKRLGKLINRSCLYK(MSE)GDHWYQFRIDAVSDWKVG
EPSLFEGNVPISLAQQLVRTAGNAAPKSIIDLDPEGGALEYFTSTNERR(MSE)APAELCFLIEDTHGRRAAKLQRQTIL
SPSERRARVNGFIRRYLSELNIGGAKLSAGARAHAFFTETH(MSE)PPALSFGNGTVLAPDTSKDRFQA(MSE)QEYSS
(MSE)RRT(MSE)(MSE)LDKKVGFFHQDVFPPQTLLLPESVKKSWGPAFASDFVGTVQELYPAGGYRPEIIEYRDKAYG
GGVPGQ(MSE)KALLEVAERGEIKSGDVLV(MSE)LHRINGAPRAQDKLAA(MSE)VCNEFEKRFGKRVQVIHSDSPGRG
YKRIFKNDKPTYVQQRGRGVNIKGYLKGAALNKVCLGNSRWPFVLRDPLNADVTIGIDVKNN(MSE)AVFT(MSE)VAEG
GRIVRVQRSRSRQREQLLESQVTQVITE(MSE)LSKELPEIKKQVQRVVIHRDGRAWPAEIAGARKTFAD(MSE)AESGL
IAVDADVSVFEVLKSSPAPLRLFSFEEPTQENPKGVINPVLGSWLKLSENDGYICTTGAPLLLQGTADPLHVRKAFGP
(MSE)AIEDALKDVFDLSCLTWPKPDSC(MSE)RLPLTIKLCDIALFDDAAEYDVDVVRFADGNTGEASA
;
_entity_poly.pdbx_strand_id   A
#
# COMPACT_ATOMS: atom_id res chain seq x y z
N SER A 1 -29.06 8.50 -16.86
CA SER A 1 -28.54 7.14 -16.71
C SER A 1 -27.05 7.13 -16.30
N HIS A 2 -26.63 8.07 -15.45
CA HIS A 2 -25.22 8.19 -15.08
C HIS A 2 -24.70 6.97 -14.32
N MSE A 3 -25.61 6.17 -13.73
CA MSE A 3 -25.31 5.05 -12.79
C MSE A 3 -24.67 3.85 -13.47
O MSE A 3 -24.21 2.91 -12.79
CB MSE A 3 -26.59 4.55 -12.12
CG MSE A 3 -27.30 5.49 -11.19
SE MSE A 3 -28.86 4.58 -10.56
CE MSE A 3 -29.59 5.96 -9.39
N THR A 4 -24.71 3.91 -14.81
CA THR A 4 -24.26 2.87 -15.70
C THR A 4 -22.75 2.96 -15.86
N LEU A 5 -22.03 2.03 -15.23
CA LEU A 5 -20.60 2.10 -15.03
C LEU A 5 -19.94 0.92 -15.71
N GLU A 6 -18.90 1.18 -16.49
CA GLU A 6 -18.10 0.17 -17.15
C GLU A 6 -16.86 -0.13 -16.31
N THR A 7 -16.41 -1.38 -16.35
CA THR A 7 -15.22 -1.77 -15.61
C THR A 7 -14.07 -2.07 -16.58
N THR A 8 -12.96 -2.60 -16.05
CA THR A 8 -11.89 -3.21 -16.83
C THR A 8 -11.90 -4.73 -16.63
N LEU A 9 -13.09 -5.29 -16.65
CA LEU A 9 -13.26 -6.71 -16.53
C LEU A 9 -13.77 -7.17 -17.89
N PHE A 10 -12.92 -7.94 -18.58
CA PHE A 10 -13.22 -8.53 -19.87
C PHE A 10 -13.61 -9.99 -19.71
N PRO A 11 -14.79 -10.41 -20.17
CA PRO A 11 -15.18 -11.81 -20.00
C PRO A 11 -14.29 -12.72 -20.83
N LEU A 12 -14.13 -13.96 -20.35
CA LEU A 12 -13.18 -14.91 -20.91
C LEU A 12 -13.95 -16.09 -21.51
N GLU A 13 -13.64 -16.46 -22.77
CA GLU A 13 -14.35 -17.54 -23.46
C GLU A 13 -13.37 -18.58 -24.00
N GLY A 14 -13.73 -19.85 -23.90
CA GLY A 14 -12.86 -20.95 -24.32
C GLY A 14 -12.44 -21.85 -23.19
N LEU A 15 -12.87 -21.52 -21.97
CA LEU A 15 -12.67 -22.34 -20.80
C LEU A 15 -13.91 -23.10 -20.38
N GLU A 16 -15.06 -22.86 -21.04
CA GLU A 16 -16.21 -23.75 -20.89
C GLU A 16 -15.83 -25.14 -21.38
N GLY A 17 -15.72 -26.08 -20.43
CA GLY A 17 -15.08 -27.37 -20.68
C GLY A 17 -13.58 -27.28 -20.84
N LEU A 18 -12.86 -26.97 -19.77
CA LEU A 18 -11.40 -27.01 -19.84
C LEU A 18 -10.80 -27.55 -18.54
N THR A 19 -11.52 -28.48 -17.88
CA THR A 19 -11.02 -29.13 -16.67
C THR A 19 -9.56 -29.56 -16.85
N ALA A 20 -8.64 -28.94 -16.10
CA ALA A 20 -7.22 -29.19 -16.34
C ALA A 20 -6.38 -29.13 -15.07
N SER A 21 -6.78 -29.84 -13.99
CA SER A 21 -6.14 -29.50 -12.71
C SER A 21 -5.50 -30.65 -11.92
N TYR A 22 -6.14 -31.82 -11.90
CA TYR A 22 -5.60 -33.19 -11.90
C TYR A 22 -4.68 -33.79 -10.81
N GLN A 23 -4.23 -33.09 -9.76
CA GLN A 23 -3.46 -33.82 -8.73
C GLN A 23 -3.24 -32.96 -7.49
N LEU A 24 -2.48 -33.52 -6.54
CA LEU A 24 -2.45 -33.15 -5.12
C LEU A 24 -1.26 -33.80 -4.41
N TYR A 25 -0.60 -33.06 -3.49
CA TYR A 25 0.45 -33.59 -2.61
C TYR A 25 0.28 -32.99 -1.21
N ALA A 26 1.21 -33.30 -0.28
CA ALA A 26 1.12 -32.85 1.12
C ALA A 26 2.52 -32.69 1.72
N VAL A 27 2.64 -31.75 2.73
CA VAL A 27 3.93 -31.31 3.28
C VAL A 27 4.29 -32.11 4.53
N LYS A 28 5.59 -32.36 4.75
CA LYS A 28 6.04 -33.09 5.95
C LYS A 28 7.27 -32.54 6.66
N GLY A 29 8.01 -31.57 6.13
CA GLY A 29 9.17 -31.10 6.85
C GLY A 29 8.93 -30.03 7.88
N LEU A 30 7.64 -29.65 8.14
CA LEU A 30 7.20 -28.51 8.98
C LEU A 30 7.41 -28.74 10.51
N SER A 31 8.16 -29.77 10.94
CA SER A 31 8.23 -30.11 12.36
C SER A 31 8.78 -28.95 13.20
N GLY A 32 9.71 -28.15 12.66
CA GLY A 32 9.99 -26.84 13.21
C GLY A 32 9.47 -25.72 12.31
N LEU A 33 8.32 -25.16 12.66
CA LEU A 33 7.69 -24.06 11.92
C LEU A 33 7.42 -22.90 12.90
N ASP A 34 7.10 -21.75 12.32
CA ASP A 34 7.16 -20.47 13.01
C ASP A 34 5.79 -19.83 13.22
N GLU A 35 4.74 -20.36 12.57
CA GLU A 35 3.44 -19.72 12.32
C GLU A 35 3.57 -18.51 11.39
N THR A 36 4.81 -18.17 11.01
CA THR A 36 5.13 -17.22 9.94
C THR A 36 6.34 -17.58 9.06
N GLU A 37 7.28 -18.44 9.49
CA GLU A 37 8.44 -18.81 8.67
C GLU A 37 8.12 -19.88 7.65
N TYR A 38 7.38 -20.90 8.10
CA TYR A 38 6.79 -21.97 7.31
C TYR A 38 6.21 -21.47 5.97
N HIS A 39 5.67 -20.24 5.94
CA HIS A 39 5.09 -19.65 4.73
C HIS A 39 6.09 -18.92 3.84
N LYS A 40 7.31 -18.67 4.31
CA LYS A 40 8.39 -18.31 3.40
C LYS A 40 9.08 -19.54 2.81
N ASN A 41 8.87 -20.71 3.43
CA ASN A 41 9.38 -21.95 2.87
C ASN A 41 8.66 -22.30 1.59
N VAL A 42 7.35 -22.46 1.69
CA VAL A 42 6.53 -22.87 0.56
C VAL A 42 6.85 -22.01 -0.65
N ASN A 43 6.82 -20.69 -0.45
CA ASN A 43 6.90 -19.77 -1.57
C ASN A 43 8.21 -19.93 -2.33
N LEU A 44 9.33 -20.00 -1.60
CA LEU A 44 10.62 -20.28 -2.23
C LEU A 44 10.62 -21.64 -2.92
N LEU A 45 9.68 -22.52 -2.56
CA LEU A 45 9.69 -23.85 -3.12
C LEU A 45 8.76 -24.00 -4.32
N VAL A 46 7.55 -23.41 -4.29
CA VAL A 46 6.67 -23.48 -5.46
C VAL A 46 7.31 -22.75 -6.63
N ARG A 47 8.16 -21.76 -6.34
CA ARG A 47 8.87 -21.06 -7.41
C ARG A 47 9.86 -22.00 -8.08
N ARG A 48 10.67 -22.70 -7.29
CA ARG A 48 11.60 -23.65 -7.88
C ARG A 48 10.87 -24.76 -8.63
N LEU A 49 9.68 -25.12 -8.17
CA LEU A 49 8.91 -26.14 -8.88
C LEU A 49 8.24 -25.58 -10.13
N SER A 50 7.77 -24.33 -10.09
CA SER A 50 7.19 -23.72 -11.29
C SER A 50 8.25 -23.25 -12.29
N PHE A 51 9.42 -22.79 -11.81
CA PHE A 51 10.40 -22.18 -12.71
C PHE A 51 11.41 -23.18 -13.26
N SER A 52 11.77 -24.18 -12.47
CA SER A 52 12.60 -25.25 -13.02
C SER A 52 11.80 -26.11 -14.00
N MSE A 53 10.62 -26.58 -13.57
CA MSE A 53 9.88 -27.54 -14.37
C MSE A 53 8.88 -26.86 -15.33
O MSE A 53 8.09 -27.53 -15.99
CB MSE A 53 9.18 -28.53 -13.44
CG MSE A 53 10.14 -29.45 -12.70
SE MSE A 53 9.35 -31.16 -12.22
CE MSE A 53 9.84 -31.20 -10.35
N LYS A 54 8.91 -25.53 -15.35
CA LYS A 54 8.32 -24.65 -16.36
C LYS A 54 6.94 -25.09 -16.86
N ALA A 55 6.11 -25.62 -15.98
CA ALA A 55 4.67 -25.78 -16.20
C ALA A 55 3.97 -25.18 -14.96
N PRO A 56 2.59 -25.17 -14.86
CA PRO A 56 1.95 -24.42 -13.74
C PRO A 56 2.03 -25.09 -12.37
N PHE A 57 2.89 -24.64 -11.47
CA PHE A 57 2.90 -25.21 -10.14
C PHE A 57 2.22 -24.21 -9.22
N VAL A 58 1.09 -24.62 -8.66
CA VAL A 58 0.13 -23.76 -7.99
C VAL A 58 -0.05 -24.26 -6.56
N ALA A 59 -0.08 -23.35 -5.60
CA ALA A 59 -0.14 -23.74 -4.19
C ALA A 59 -0.75 -22.61 -3.36
N LEU A 60 -2.02 -22.76 -2.94
CA LEU A 60 -2.78 -21.67 -2.27
C LEU A 60 -3.74 -22.19 -1.16
N SER A 61 -3.28 -23.08 -0.26
CA SER A 61 -4.18 -23.83 0.64
C SER A 61 -4.23 -23.34 2.09
N ARG A 62 -5.14 -23.94 2.87
CA ARG A 62 -5.35 -23.60 4.28
C ARG A 62 -4.57 -24.57 5.17
N ASP A 63 -4.23 -24.09 6.38
CA ASP A 63 -3.70 -24.89 7.50
C ASP A 63 -2.28 -25.38 7.14
N GLY A 64 -2.10 -26.66 6.85
CA GLY A 64 -0.84 -27.17 6.35
C GLY A 64 -0.79 -27.08 4.83
N GLU A 65 0.09 -26.23 4.30
CA GLU A 65 0.07 -25.86 2.89
C GLU A 65 0.33 -27.09 2.01
N GLN A 66 -0.32 -27.13 0.83
CA GLN A 66 -0.33 -28.28 -0.09
C GLN A 66 -0.04 -27.80 -1.52
N PHE A 67 0.42 -28.71 -2.41
CA PHE A 67 0.83 -28.36 -3.78
C PHE A 67 0.07 -29.15 -4.85
N ILE A 68 -0.23 -28.48 -5.97
CA ILE A 68 -0.81 -29.14 -7.16
C ILE A 68 0.30 -29.44 -8.15
N ALA A 69 0.51 -30.70 -8.44
CA ALA A 69 1.29 -31.01 -9.61
C ALA A 69 0.34 -31.37 -10.76
N VAL A 70 0.94 -31.55 -11.93
CA VAL A 70 0.35 -32.21 -13.08
C VAL A 70 0.71 -33.68 -12.96
N PRO A 71 -0.17 -34.63 -13.36
CA PRO A 71 0.31 -36.00 -13.57
C PRO A 71 1.40 -36.08 -14.63
N ASN A 72 1.60 -35.02 -15.42
CA ASN A 72 2.60 -34.97 -16.48
C ASN A 72 3.85 -34.27 -15.97
N TYR A 73 4.82 -35.07 -15.45
CA TYR A 73 6.09 -34.55 -14.93
C TYR A 73 7.36 -35.37 -15.25
N VAL A 74 7.26 -36.51 -15.94
CA VAL A 74 8.32 -37.53 -16.05
C VAL A 74 8.68 -38.03 -14.64
N THR A 75 9.61 -37.36 -13.96
CA THR A 75 10.00 -37.74 -12.60
C THR A 75 9.94 -36.53 -11.67
N GLU A 76 9.05 -36.60 -10.66
CA GLU A 76 8.79 -35.46 -9.77
C GLU A 76 9.93 -35.25 -8.77
N PHE A 77 10.47 -36.34 -8.23
CA PHE A 77 11.35 -36.37 -7.06
C PHE A 77 10.58 -35.86 -5.84
N PRO A 78 9.50 -36.56 -5.41
CA PRO A 78 8.67 -36.04 -4.30
C PRO A 78 9.38 -36.01 -2.94
N VAL A 79 9.96 -37.12 -2.46
CA VAL A 79 10.69 -37.09 -1.19
C VAL A 79 12.09 -36.53 -1.33
N ASP A 80 12.47 -36.05 -2.52
CA ASP A 80 13.81 -35.56 -2.85
C ASP A 80 13.84 -34.05 -3.10
N HIS A 81 13.04 -33.30 -2.35
CA HIS A 81 12.97 -31.85 -2.48
C HIS A 81 13.47 -31.17 -1.21
N ARG A 82 14.37 -30.21 -1.41
CA ARG A 82 15.19 -29.62 -0.38
C ARG A 82 15.66 -30.67 0.62
N VAL A 83 16.15 -31.79 0.08
CA VAL A 83 17.10 -32.63 0.80
C VAL A 83 18.38 -31.86 1.12
N VAL A 84 18.49 -30.62 0.63
CA VAL A 84 19.64 -29.76 0.86
C VAL A 84 19.51 -28.97 2.17
N ARG A 85 18.30 -28.53 2.54
CA ARG A 85 18.15 -27.60 3.65
C ARG A 85 17.28 -28.14 4.79
N ALA A 86 16.06 -28.63 4.51
CA ALA A 86 15.17 -29.12 5.56
C ALA A 86 14.65 -30.54 5.38
N MSE A 87 14.68 -31.08 4.16
CA MSE A 87 14.06 -32.37 3.79
C MSE A 87 12.59 -32.53 4.14
O MSE A 87 12.21 -33.28 5.03
CB MSE A 87 14.87 -33.62 4.13
CG MSE A 87 14.58 -34.75 3.11
SE MSE A 87 15.70 -36.34 3.16
CE MSE A 87 14.96 -37.40 1.69
N VAL A 88 11.76 -31.76 3.43
CA VAL A 88 10.35 -32.05 3.35
C VAL A 88 10.13 -33.31 2.51
N LYS A 89 9.22 -34.16 2.96
CA LYS A 89 8.73 -35.30 2.19
C LYS A 89 7.39 -34.91 1.58
N LEU A 90 7.28 -35.00 0.26
CA LEU A 90 6.06 -34.56 -0.46
C LEU A 90 5.09 -35.73 -0.61
N VAL A 91 4.35 -36.01 0.48
CA VAL A 91 3.42 -37.14 0.58
C VAL A 91 2.34 -37.08 -0.50
N PRO A 92 2.39 -37.96 -1.51
CA PRO A 92 1.35 -37.94 -2.55
C PRO A 92 0.02 -38.51 -2.07
N THR A 93 -0.81 -37.66 -1.46
CA THR A 93 -2.22 -37.93 -1.18
C THR A 93 -3.04 -37.57 -2.42
N GLY A 94 -2.38 -37.58 -3.58
CA GLY A 94 -2.97 -37.07 -4.78
C GLY A 94 -4.25 -37.77 -5.18
N GLU A 95 -5.33 -37.11 -4.80
CA GLU A 95 -6.64 -37.38 -5.34
C GLU A 95 -6.78 -36.55 -6.60
N PRO A 96 -7.17 -37.14 -7.75
CA PRO A 96 -7.24 -36.31 -8.96
C PRO A 96 -8.26 -35.20 -8.77
N LEU A 97 -7.78 -33.95 -8.66
CA LEU A 97 -8.64 -32.78 -8.51
C LEU A 97 -8.79 -32.14 -9.88
N ASN A 98 -9.99 -32.23 -10.45
CA ASN A 98 -10.19 -31.84 -11.85
C ASN A 98 -11.18 -30.68 -11.89
N LEU A 99 -10.62 -29.47 -11.87
CA LEU A 99 -11.38 -28.24 -11.69
C LEU A 99 -11.90 -27.67 -12.99
N ARG A 100 -13.15 -27.26 -12.97
CA ARG A 100 -13.74 -26.66 -14.14
C ARG A 100 -14.00 -25.20 -13.82
N PHE A 101 -13.92 -24.36 -14.86
CA PHE A 101 -13.94 -22.92 -14.72
C PHE A 101 -15.33 -22.34 -14.86
N ASP A 102 -16.34 -23.12 -14.48
CA ASP A 102 -17.70 -22.66 -14.39
C ASP A 102 -18.33 -23.10 -13.09
N ALA A 103 -17.62 -23.87 -12.27
CA ALA A 103 -18.20 -24.50 -11.09
C ALA A 103 -18.85 -23.47 -10.19
N ALA A 104 -19.76 -23.92 -9.33
CA ALA A 104 -20.17 -23.07 -8.25
C ALA A 104 -18.96 -22.69 -7.41
N ASP A 105 -19.14 -21.68 -6.57
CA ASP A 105 -18.02 -21.13 -5.84
C ASP A 105 -17.53 -22.16 -4.83
N ASP A 106 -16.28 -22.57 -4.97
CA ASP A 106 -15.67 -23.73 -4.32
C ASP A 106 -14.44 -23.23 -3.56
N GLU A 107 -13.81 -24.02 -2.67
CA GLU A 107 -12.57 -23.44 -2.13
C GLU A 107 -11.46 -23.46 -3.15
N TYR A 108 -11.44 -24.45 -4.04
CA TYR A 108 -10.48 -24.42 -5.14
C TYR A 108 -11.04 -23.59 -6.30
N ASP A 109 -11.59 -22.43 -5.91
CA ASP A 109 -11.60 -21.26 -6.74
C ASP A 109 -10.29 -20.53 -6.60
N GLY A 110 -9.53 -20.84 -5.55
CA GLY A 110 -8.23 -20.22 -5.39
C GLY A 110 -7.24 -20.81 -6.35
N LEU A 111 -7.46 -22.06 -6.70
CA LEU A 111 -6.54 -22.84 -7.51
C LEU A 111 -6.88 -22.71 -8.97
N ARG A 112 -8.17 -22.75 -9.29
CA ARG A 112 -8.66 -22.42 -10.62
C ARG A 112 -8.12 -21.08 -11.11
N LEU A 113 -7.62 -20.23 -10.20
CA LEU A 113 -7.18 -18.88 -10.53
C LEU A 113 -5.68 -18.78 -10.68
N ARG A 114 -4.94 -19.38 -9.75
CA ARG A 114 -3.49 -19.43 -9.88
C ARG A 114 -3.06 -20.27 -11.09
N TYR A 115 -3.91 -21.18 -11.56
CA TYR A 115 -3.62 -21.95 -12.78
C TYR A 115 -3.88 -21.10 -14.02
N LEU A 116 -5.11 -20.55 -14.16
CA LEU A 116 -5.40 -19.60 -15.24
C LEU A 116 -4.33 -18.53 -15.34
N ASP A 117 -3.62 -18.31 -14.26
CA ASP A 117 -2.80 -17.12 -14.14
C ASP A 117 -1.40 -17.45 -14.66
N PHE A 118 -0.90 -18.65 -14.33
CA PHE A 118 0.38 -19.15 -14.82
C PHE A 118 0.40 -19.29 -16.34
N VAL A 119 -0.71 -19.72 -16.91
CA VAL A 119 -0.70 -20.08 -18.33
C VAL A 119 -1.14 -18.93 -19.23
N LEU A 120 -1.87 -17.95 -18.70
CA LEU A 120 -2.29 -16.81 -19.48
C LEU A 120 -1.16 -15.81 -19.75
N GLN A 121 0.00 -15.94 -19.08
CA GLN A 121 1.12 -15.07 -19.43
C GLN A 121 2.26 -15.81 -20.11
N GLN A 122 2.05 -17.06 -20.53
CA GLN A 122 2.98 -17.68 -21.47
C GLN A 122 2.95 -17.02 -22.85
N PRO A 123 1.79 -16.75 -23.47
CA PRO A 123 1.78 -15.92 -24.69
C PRO A 123 2.24 -14.50 -24.49
N LEU A 124 2.48 -14.06 -23.25
CA LEU A 124 2.99 -12.73 -23.03
C LEU A 124 4.49 -12.70 -22.74
N PHE A 125 5.00 -13.75 -22.08
CA PHE A 125 6.44 -13.92 -21.91
C PHE A 125 7.13 -14.35 -23.22
N ALA A 126 6.43 -15.07 -24.09
CA ALA A 126 6.98 -15.45 -25.38
C ALA A 126 6.80 -14.38 -26.45
N ASN A 127 5.98 -13.35 -26.20
CA ASN A 127 6.03 -12.24 -27.13
C ASN A 127 7.43 -11.64 -27.08
N HIS A 128 7.68 -10.75 -27.97
CA HIS A 128 9.04 -10.31 -28.11
C HIS A 128 9.19 -8.85 -27.81
N HIS A 129 8.15 -8.07 -28.11
CA HIS A 129 7.99 -6.65 -27.89
C HIS A 129 7.56 -6.33 -26.49
N LEU A 130 7.53 -7.35 -25.62
CA LEU A 130 6.93 -7.26 -24.31
C LEU A 130 7.88 -7.91 -23.35
N TRP A 131 8.11 -7.23 -22.24
CA TRP A 131 8.94 -7.74 -21.18
C TRP A 131 8.22 -7.63 -19.83
N GLN A 132 8.57 -8.57 -18.94
CA GLN A 132 8.00 -8.69 -17.59
C GLN A 132 9.09 -8.42 -16.57
N PRO A 133 8.95 -7.42 -15.69
CA PRO A 133 10.03 -7.15 -14.73
C PRO A 133 10.38 -8.33 -13.86
N GLY A 134 9.38 -8.99 -13.31
CA GLY A 134 9.58 -10.16 -12.47
C GLY A 134 8.31 -10.99 -12.47
N SER A 135 8.36 -12.11 -11.74
CA SER A 135 7.21 -12.98 -11.65
C SER A 135 6.00 -12.16 -11.26
N GLY A 136 4.88 -12.43 -11.91
CA GLY A 136 3.64 -11.71 -11.68
C GLY A 136 3.80 -10.22 -11.52
N GLN A 137 4.25 -9.51 -12.54
CA GLN A 137 4.30 -8.06 -12.56
C GLN A 137 3.62 -7.59 -13.84
N PRO A 138 3.36 -6.26 -14.00
CA PRO A 138 2.71 -5.81 -15.24
C PRO A 138 3.48 -6.25 -16.49
N PHE A 139 2.92 -6.08 -17.68
CA PHE A 139 3.65 -6.41 -18.89
C PHE A 139 3.89 -5.14 -19.69
N PHE A 140 5.17 -4.81 -19.86
CA PHE A 140 5.61 -3.56 -20.43
C PHE A 140 6.16 -3.76 -21.82
N HIS A 141 6.03 -2.72 -22.63
CA HIS A 141 6.64 -2.68 -23.93
C HIS A 141 8.15 -2.66 -23.79
N LYS A 142 8.86 -3.23 -24.78
CA LYS A 142 10.29 -2.96 -24.89
C LYS A 142 10.51 -1.53 -25.38
N LYS A 143 9.58 -1.02 -26.19
CA LYS A 143 9.65 0.34 -26.70
C LYS A 143 9.08 1.36 -25.71
N PRO A 144 9.80 2.40 -25.36
CA PRO A 144 9.24 3.45 -24.51
C PRO A 144 8.15 4.29 -25.14
N LEU A 145 7.36 4.89 -24.28
CA LEU A 145 6.29 5.75 -24.74
C LEU A 145 6.72 7.20 -24.84
N LYS A 146 7.59 7.69 -23.93
CA LYS A 146 7.99 9.10 -23.96
C LYS A 146 9.49 9.21 -23.70
N ARG A 147 10.11 10.28 -24.21
CA ARG A 147 11.58 10.35 -24.20
C ARG A 147 12.09 11.03 -22.94
N LEU A 148 11.63 12.27 -22.69
CA LEU A 148 11.57 12.83 -21.35
C LEU A 148 12.93 12.93 -20.65
N ASP A 149 13.66 14.00 -20.92
CA ASP A 149 15.09 14.20 -20.67
C ASP A 149 15.73 13.35 -19.57
N ASP A 150 16.78 12.61 -19.93
CA ASP A 150 17.64 11.70 -19.17
C ASP A 150 17.03 10.33 -18.93
N VAL A 151 15.75 10.13 -19.16
CA VAL A 151 15.10 9.02 -18.47
C VAL A 151 13.80 8.63 -19.18
N ASP A 152 13.64 7.34 -19.43
CA ASP A 152 12.64 6.82 -20.35
C ASP A 152 11.38 6.43 -19.61
N LEU A 153 10.23 6.77 -20.15
CA LEU A 153 8.95 6.32 -19.59
C LEU A 153 8.42 5.14 -20.40
N TYR A 154 8.31 3.99 -19.75
CA TYR A 154 7.83 2.77 -20.39
C TYR A 154 6.37 2.53 -20.01
N ASP A 155 5.47 2.34 -20.98
CA ASP A 155 4.13 1.98 -20.52
C ASP A 155 3.99 0.47 -20.41
N GLY A 156 2.79 0.04 -20.03
CA GLY A 156 2.55 -1.36 -19.72
C GLY A 156 1.13 -1.54 -19.24
N VAL A 157 0.79 -2.79 -18.98
CA VAL A 157 -0.54 -3.17 -18.49
C VAL A 157 -0.33 -4.31 -17.48
N SER A 158 -1.11 -4.29 -16.41
CA SER A 158 -1.16 -5.41 -15.48
C SER A 158 -2.39 -6.25 -15.80
N VAL A 159 -2.16 -7.55 -16.02
CA VAL A 159 -3.19 -8.54 -16.29
C VAL A 159 -3.12 -9.64 -15.23
N ARG A 160 -4.24 -9.86 -14.50
CA ARG A 160 -4.34 -10.88 -13.44
C ARG A 160 -5.58 -11.77 -13.50
N ALA A 161 -6.75 -11.21 -13.87
CA ALA A 161 -7.90 -12.02 -14.27
C ALA A 161 -8.52 -13.04 -13.27
N ALA A 162 -9.30 -12.58 -12.26
CA ALA A 162 -10.03 -13.42 -11.32
C ALA A 162 -11.54 -13.51 -11.67
N LYS A 163 -12.36 -14.13 -10.78
CA LYS A 163 -13.78 -14.41 -11.05
C LYS A 163 -14.58 -13.23 -11.61
N HIS A 164 -15.66 -13.57 -12.28
CA HIS A 164 -16.64 -12.72 -12.92
C HIS A 164 -17.97 -12.75 -12.14
N PRO A 165 -18.72 -11.64 -12.14
CA PRO A 165 -19.98 -11.57 -11.37
C PRO A 165 -21.21 -12.14 -12.08
N GLU A 166 -21.12 -12.42 -13.37
CA GLU A 166 -22.19 -13.10 -14.10
C GLU A 166 -21.72 -14.50 -14.47
N GLY A 167 -21.01 -15.13 -13.55
CA GLY A 167 -20.56 -16.51 -13.67
C GLY A 167 -19.22 -16.61 -14.36
N GLY A 168 -18.48 -17.64 -14.02
CA GLY A 168 -17.27 -17.94 -14.77
C GLY A 168 -16.11 -17.01 -14.46
N PHE A 169 -15.18 -16.92 -15.40
CA PHE A 169 -13.91 -16.25 -15.18
C PHE A 169 -13.71 -15.26 -16.30
N GLY A 170 -12.81 -14.31 -16.05
CA GLY A 170 -12.65 -13.12 -16.87
C GLY A 170 -11.31 -12.45 -16.62
N ILE A 171 -11.15 -11.25 -17.17
CA ILE A 171 -9.85 -10.56 -17.25
C ILE A 171 -9.92 -9.24 -16.50
N VAL A 172 -8.90 -8.93 -15.68
CA VAL A 172 -8.79 -7.62 -15.04
C VAL A 172 -7.50 -6.93 -15.47
N CYS A 173 -7.61 -5.64 -15.73
CA CYS A 173 -6.52 -4.86 -16.31
C CYS A 173 -6.52 -3.42 -15.80
N ASP A 174 -5.32 -2.91 -15.62
CA ASP A 174 -5.03 -1.53 -15.27
C ASP A 174 -3.83 -1.13 -16.12
N ALA A 175 -3.79 0.10 -16.62
CA ALA A 175 -2.51 0.57 -17.15
C ALA A 175 -1.45 0.66 -16.04
N ARG A 176 -0.24 1.06 -16.38
CA ARG A 176 0.80 1.24 -15.36
C ARG A 176 1.95 2.01 -16.01
N SER A 177 2.88 2.47 -15.19
CA SER A 177 3.99 3.25 -15.70
C SER A 177 5.25 2.80 -14.98
N LYS A 178 6.39 3.13 -15.58
CA LYS A 178 7.69 2.80 -15.00
C LYS A 178 8.75 3.67 -15.66
N PHE A 179 9.65 4.24 -14.85
CA PHE A 179 10.61 5.28 -15.24
C PHE A 179 12.03 4.70 -15.13
N ILE A 180 12.75 4.66 -16.25
CA ILE A 180 14.07 4.03 -16.34
C ILE A 180 15.01 4.92 -17.15
N THR A 181 16.28 5.03 -16.74
CA THR A 181 17.19 6.00 -17.35
C THR A 181 17.78 5.53 -18.68
N HIS A 182 18.05 6.52 -19.51
CA HIS A 182 18.02 6.37 -20.95
C HIS A 182 19.15 5.52 -21.48
N THR A 183 20.25 5.47 -20.74
CA THR A 183 21.61 5.19 -21.15
C THR A 183 22.27 4.27 -20.14
N PRO A 184 22.78 3.13 -20.57
CA PRO A 184 23.22 2.09 -19.62
C PRO A 184 24.36 2.56 -18.73
N ILE A 185 24.51 1.81 -17.62
CA ILE A 185 25.46 2.16 -16.57
C ILE A 185 26.89 2.08 -17.07
N GLY A 186 27.21 1.12 -17.90
CA GLY A 186 28.37 1.47 -18.68
C GLY A 186 29.62 0.72 -18.29
N ALA A 187 30.50 0.56 -19.26
CA ALA A 187 31.71 -0.22 -19.06
C ALA A 187 32.91 0.65 -18.71
N ARG A 188 32.79 1.96 -18.73
CA ARG A 188 33.78 2.81 -18.10
C ARG A 188 33.21 3.46 -16.85
N ALA A 189 32.44 2.66 -16.11
CA ALA A 189 32.01 3.00 -14.77
C ALA A 189 32.85 2.21 -13.79
N ASP A 190 33.53 2.91 -12.89
CA ASP A 190 34.58 2.36 -12.04
C ASP A 190 34.02 1.61 -10.84
N ARG A 191 34.90 1.28 -9.89
CA ARG A 191 34.48 0.53 -8.70
C ARG A 191 33.66 1.40 -7.75
N LYS A 192 34.09 2.66 -7.53
CA LYS A 192 33.44 3.56 -6.57
C LYS A 192 32.11 4.10 -7.08
N ARG A 193 32.01 4.39 -8.38
CA ARG A 193 30.70 4.76 -8.94
C ARG A 193 29.71 3.60 -8.88
N LEU A 194 30.21 2.36 -8.97
CA LEU A 194 29.36 1.16 -8.96
C LEU A 194 28.85 0.83 -7.57
N GLY A 195 29.70 0.97 -6.55
CA GLY A 195 29.23 0.74 -5.20
C GLY A 195 28.13 1.70 -4.80
N LYS A 196 28.22 2.95 -5.27
CA LYS A 196 27.42 4.08 -4.79
C LYS A 196 25.95 3.80 -5.02
N LEU A 197 25.69 2.58 -5.49
CA LEU A 197 24.43 2.19 -6.10
C LEU A 197 23.89 0.86 -5.59
N ILE A 198 24.61 0.18 -4.68
CA ILE A 198 24.11 -1.10 -4.17
C ILE A 198 22.70 -0.92 -3.63
N ASN A 199 21.79 -1.82 -4.03
CA ASN A 199 20.38 -1.89 -3.63
C ASN A 199 19.46 -0.88 -4.32
N ARG A 200 19.87 -0.30 -5.47
CA ARG A 200 18.90 0.14 -6.45
C ARG A 200 18.53 -1.02 -7.37
N SER A 201 17.48 -0.80 -8.16
CA SER A 201 17.10 -1.74 -9.19
C SER A 201 17.29 -1.12 -10.58
N CYS A 202 17.75 -1.95 -11.49
CA CYS A 202 18.09 -1.62 -12.85
C CYS A 202 17.30 -2.53 -13.79
N LEU A 203 17.06 -2.05 -15.01
CA LEU A 203 16.57 -2.95 -16.06
C LEU A 203 17.79 -3.57 -16.74
N TYR A 204 17.94 -4.88 -16.59
CA TYR A 204 19.02 -5.60 -17.27
C TYR A 204 18.47 -6.09 -18.60
N LYS A 205 18.90 -5.45 -19.68
CA LYS A 205 18.58 -5.89 -21.04
C LYS A 205 19.48 -7.06 -21.36
N MSE A 206 18.99 -8.29 -21.24
CA MSE A 206 19.98 -9.31 -21.41
C MSE A 206 20.15 -9.55 -22.88
O MSE A 206 20.92 -8.86 -23.51
CB MSE A 206 19.61 -10.61 -20.70
CG MSE A 206 20.69 -11.65 -20.81
SE MSE A 206 20.63 -13.20 -19.65
CE MSE A 206 21.80 -12.77 -18.19
N GLY A 207 19.29 -10.33 -23.48
CA GLY A 207 19.47 -10.55 -24.90
C GLY A 207 18.25 -9.98 -25.56
N ASP A 208 17.34 -10.90 -25.85
CA ASP A 208 15.92 -10.65 -25.93
C ASP A 208 15.21 -10.84 -24.58
N HIS A 209 15.94 -11.17 -23.51
CA HIS A 209 15.39 -11.46 -22.17
C HIS A 209 15.57 -10.25 -21.28
N TRP A 210 14.57 -9.40 -21.21
CA TRP A 210 14.61 -8.21 -20.38
C TRP A 210 13.91 -8.48 -19.06
N TYR A 211 14.59 -8.22 -17.95
CA TYR A 211 13.99 -8.34 -16.63
C TYR A 211 14.64 -7.35 -15.69
N GLN A 212 14.20 -7.37 -14.44
CA GLN A 212 14.57 -6.38 -13.44
C GLN A 212 15.24 -7.07 -12.27
N PHE A 213 16.21 -6.40 -11.67
CA PHE A 213 16.85 -6.98 -10.49
C PHE A 213 17.51 -5.90 -9.66
N ARG A 214 17.69 -6.19 -8.36
CA ARG A 214 18.29 -5.27 -7.41
C ARG A 214 19.75 -5.64 -7.15
N ILE A 215 20.61 -4.61 -7.10
CA ILE A 215 22.05 -4.80 -6.98
C ILE A 215 22.37 -5.43 -5.63
N ASP A 216 23.41 -6.19 -5.59
CA ASP A 216 23.78 -6.72 -4.29
C ASP A 216 25.26 -6.53 -4.00
N ALA A 217 26.10 -6.66 -5.01
CA ALA A 217 27.54 -6.67 -4.79
C ALA A 217 28.24 -6.37 -6.11
N VAL A 218 29.03 -5.29 -6.16
CA VAL A 218 29.92 -5.10 -7.29
C VAL A 218 30.92 -6.24 -7.32
N SER A 219 30.89 -7.03 -8.37
CA SER A 219 31.58 -8.31 -8.31
C SER A 219 33.08 -8.13 -8.16
N ASP A 220 33.75 -9.26 -8.09
CA ASP A 220 35.18 -9.32 -7.95
C ASP A 220 35.87 -9.48 -9.30
N TRP A 221 35.11 -9.59 -10.37
CA TRP A 221 35.69 -9.64 -11.70
C TRP A 221 34.95 -8.72 -12.67
N LYS A 222 35.70 -8.28 -13.69
CA LYS A 222 35.19 -7.51 -14.83
C LYS A 222 34.50 -8.45 -15.81
N VAL A 223 33.92 -7.86 -16.86
CA VAL A 223 33.08 -8.61 -17.80
C VAL A 223 33.87 -9.72 -18.49
N GLY A 224 35.14 -9.47 -18.82
CA GLY A 224 35.96 -10.46 -19.47
C GLY A 224 36.71 -11.39 -18.54
N GLU A 225 36.50 -11.26 -17.24
CA GLU A 225 37.50 -11.99 -16.48
C GLU A 225 36.95 -13.28 -15.90
N PRO A 226 37.77 -14.34 -15.88
CA PRO A 226 37.28 -15.71 -15.63
C PRO A 226 36.86 -15.92 -14.18
N SER A 227 35.61 -16.34 -14.00
CA SER A 227 35.11 -16.33 -12.63
C SER A 227 34.43 -17.62 -12.21
N LEU A 228 33.60 -18.19 -13.05
CA LEU A 228 32.92 -19.45 -12.78
C LEU A 228 33.38 -20.42 -13.85
N PHE A 229 32.97 -21.68 -13.75
CA PHE A 229 33.58 -22.67 -14.64
C PHE A 229 32.55 -23.61 -15.26
N GLU A 230 32.65 -23.77 -16.58
CA GLU A 230 31.95 -24.77 -17.38
C GLU A 230 33.05 -25.66 -17.95
N GLY A 231 33.44 -26.67 -17.18
CA GLY A 231 34.64 -27.42 -17.45
C GLY A 231 35.83 -27.05 -16.59
N ASN A 232 35.59 -26.40 -15.45
CA ASN A 232 36.60 -26.11 -14.43
C ASN A 232 37.57 -25.08 -14.95
N VAL A 233 37.54 -24.87 -16.26
CA VAL A 233 38.29 -23.79 -16.86
C VAL A 233 37.41 -22.59 -16.54
N PRO A 234 37.88 -21.63 -15.74
CA PRO A 234 37.08 -20.43 -15.52
C PRO A 234 36.77 -19.79 -16.87
N ILE A 235 35.54 -19.34 -17.03
CA ILE A 235 35.04 -18.78 -18.28
C ILE A 235 34.27 -17.51 -17.98
N SER A 236 34.34 -16.57 -18.90
CA SER A 236 34.49 -15.17 -18.51
C SER A 236 33.18 -14.41 -18.26
N LEU A 237 32.03 -15.02 -18.44
CA LEU A 237 30.71 -14.36 -18.44
C LEU A 237 30.49 -13.64 -19.74
N ALA A 238 31.56 -13.22 -20.42
CA ALA A 238 31.36 -12.93 -21.82
C ALA A 238 31.19 -14.26 -22.53
N GLN A 239 32.03 -15.21 -22.14
CA GLN A 239 31.90 -16.58 -22.61
C GLN A 239 30.55 -17.17 -22.22
N GLN A 240 30.07 -16.84 -21.03
CA GLN A 240 28.79 -17.41 -20.59
C GLN A 240 27.60 -16.81 -21.31
N LEU A 241 27.66 -15.52 -21.66
CA LEU A 241 26.51 -14.93 -22.35
C LEU A 241 26.44 -15.36 -23.81
N VAL A 242 27.58 -15.78 -24.37
CA VAL A 242 27.62 -16.44 -25.66
C VAL A 242 27.02 -17.84 -25.58
N ARG A 243 27.45 -18.64 -24.61
CA ARG A 243 27.01 -20.03 -24.59
C ARG A 243 25.50 -20.10 -24.55
N THR A 244 24.89 -19.28 -23.70
CA THR A 244 23.45 -19.22 -23.56
C THR A 244 22.79 -18.28 -24.55
N ALA A 245 23.46 -17.91 -25.64
CA ALA A 245 22.81 -17.01 -26.57
C ALA A 245 22.21 -17.80 -27.73
N GLY A 246 21.28 -17.16 -28.43
CA GLY A 246 20.46 -17.90 -29.37
C GLY A 246 20.52 -17.47 -30.80
N ASN A 247 21.14 -18.31 -31.62
CA ASN A 247 21.08 -18.15 -33.07
C ASN A 247 21.31 -16.74 -33.58
N ALA A 248 20.29 -15.90 -33.55
CA ALA A 248 20.53 -14.56 -34.10
C ALA A 248 20.88 -13.58 -33.00
N ALA A 249 21.78 -14.02 -32.13
CA ALA A 249 21.92 -13.36 -30.85
C ALA A 249 22.29 -11.91 -31.10
N PRO A 250 21.72 -10.98 -30.36
CA PRO A 250 21.86 -9.56 -30.72
C PRO A 250 23.33 -9.16 -30.69
N LYS A 251 23.59 -7.95 -31.15
CA LYS A 251 24.98 -7.54 -31.12
C LYS A 251 25.47 -7.34 -29.71
N SER A 252 24.69 -6.66 -28.88
CA SER A 252 25.18 -6.21 -27.58
C SER A 252 25.69 -7.36 -26.72
N ILE A 253 25.07 -8.54 -26.85
CA ILE A 253 25.34 -9.64 -25.93
C ILE A 253 26.58 -10.44 -26.31
N ILE A 254 27.25 -10.13 -27.42
CA ILE A 254 28.44 -10.88 -27.81
C ILE A 254 29.60 -9.97 -28.13
N ASP A 255 29.44 -8.68 -27.90
CA ASP A 255 30.52 -7.74 -28.11
C ASP A 255 30.59 -6.79 -26.93
N LEU A 256 30.69 -7.34 -25.73
CA LEU A 256 30.89 -6.52 -24.55
C LEU A 256 32.34 -6.11 -24.42
N ASP A 257 32.55 -4.92 -23.89
CA ASP A 257 33.88 -4.51 -23.44
C ASP A 257 34.31 -5.39 -22.27
N PRO A 258 35.48 -6.02 -22.32
CA PRO A 258 35.95 -6.75 -21.13
C PRO A 258 36.31 -5.83 -19.99
N GLU A 259 36.60 -4.55 -20.27
CA GLU A 259 37.05 -3.60 -19.25
C GLU A 259 35.87 -2.77 -18.75
N GLY A 260 34.96 -3.47 -18.10
CA GLY A 260 33.70 -2.88 -17.68
C GLY A 260 33.15 -3.62 -16.48
N GLY A 261 32.23 -2.95 -15.78
CA GLY A 261 31.78 -3.45 -14.50
C GLY A 261 30.88 -4.67 -14.62
N ALA A 262 30.82 -5.43 -13.53
CA ALA A 262 29.92 -6.57 -13.39
C ALA A 262 29.21 -6.49 -12.04
N LEU A 263 27.89 -6.70 -12.06
CA LEU A 263 27.07 -6.58 -10.88
C LEU A 263 26.52 -7.95 -10.47
N GLU A 264 26.04 -8.03 -9.23
CA GLU A 264 25.46 -9.27 -8.73
C GLU A 264 24.06 -9.03 -8.19
N TYR A 265 23.39 -10.16 -7.97
CA TYR A 265 21.99 -10.20 -7.60
C TYR A 265 21.65 -11.66 -7.39
N PHE A 266 20.44 -11.90 -6.92
CA PHE A 266 19.96 -13.22 -6.54
C PHE A 266 18.66 -13.49 -7.33
N THR A 267 18.53 -14.70 -7.85
CA THR A 267 17.41 -15.05 -8.74
C THR A 267 16.09 -14.98 -7.95
N SER A 268 14.97 -15.07 -8.67
CA SER A 268 13.67 -15.39 -8.12
C SER A 268 13.64 -16.69 -7.30
N THR A 269 14.68 -17.52 -7.42
CA THR A 269 14.87 -18.71 -6.60
C THR A 269 16.26 -18.74 -5.98
N ASN A 270 16.77 -17.55 -5.64
CA ASN A 270 17.81 -17.39 -4.63
C ASN A 270 19.15 -17.97 -5.07
N GLU A 271 19.47 -17.79 -6.36
CA GLU A 271 20.73 -18.23 -6.95
C GLU A 271 21.61 -17.02 -7.22
N ARG A 272 22.91 -17.15 -6.98
CA ARG A 272 23.82 -16.04 -7.25
C ARG A 272 24.13 -15.98 -8.74
N ARG A 273 24.17 -14.76 -9.29
CA ARG A 273 24.29 -14.53 -10.72
C ARG A 273 24.80 -13.11 -10.97
N MSE A 274 25.51 -12.94 -12.09
CA MSE A 274 26.09 -11.66 -12.49
C MSE A 274 25.42 -11.00 -13.70
O MSE A 274 24.54 -11.59 -14.36
CB MSE A 274 27.57 -11.82 -12.81
CG MSE A 274 28.46 -12.17 -11.64
SE MSE A 274 30.27 -12.56 -12.24
CE MSE A 274 29.95 -14.36 -12.93
N ALA A 275 25.86 -9.78 -14.01
CA ALA A 275 25.37 -9.01 -15.16
C ALA A 275 26.34 -7.88 -15.45
N PRO A 276 26.73 -7.67 -16.71
CA PRO A 276 27.64 -6.56 -17.03
C PRO A 276 27.01 -5.19 -16.77
N ALA A 277 27.84 -4.21 -16.40
CA ALA A 277 27.34 -2.88 -16.09
C ALA A 277 26.83 -2.19 -17.34
N GLU A 278 27.59 -2.30 -18.42
CA GLU A 278 27.04 -2.18 -19.76
C GLU A 278 25.92 -3.20 -19.90
N LEU A 279 24.77 -2.78 -20.39
CA LEU A 279 23.46 -3.47 -20.36
C LEU A 279 22.61 -3.25 -19.09
N CYS A 280 23.05 -2.52 -18.08
CA CYS A 280 22.21 -2.30 -16.91
C CYS A 280 21.75 -0.85 -16.88
N PHE A 281 20.48 -0.64 -16.63
CA PHE A 281 19.88 0.68 -16.75
C PHE A 281 19.14 0.97 -15.46
N LEU A 282 19.42 2.09 -14.82
CA LEU A 282 18.92 2.29 -13.47
C LEU A 282 17.50 2.84 -13.49
N ILE A 283 16.65 2.29 -12.61
CA ILE A 283 15.28 2.77 -12.44
C ILE A 283 15.27 3.98 -11.52
N GLU A 284 14.92 5.12 -12.07
CA GLU A 284 14.55 6.27 -11.25
C GLU A 284 13.51 5.86 -10.24
N ASP A 285 13.86 6.01 -8.96
CA ASP A 285 12.89 5.97 -7.86
C ASP A 285 12.43 7.42 -7.70
N THR A 286 11.33 7.80 -8.40
CA THR A 286 10.90 9.22 -8.47
C THR A 286 10.12 9.69 -7.25
N HIS A 287 9.93 8.83 -6.24
CA HIS A 287 9.61 9.28 -4.89
C HIS A 287 10.88 9.47 -4.05
N GLY A 288 11.92 8.69 -4.32
CA GLY A 288 13.27 8.99 -3.85
C GLY A 288 13.74 10.40 -4.21
N ARG A 289 13.92 10.69 -5.52
CA ARG A 289 14.06 12.06 -6.00
C ARG A 289 12.68 12.65 -6.31
N ARG A 290 12.35 13.75 -5.63
CA ARG A 290 11.02 14.34 -5.77
C ARG A 290 10.87 14.92 -7.16
N ALA A 291 10.72 14.06 -8.17
CA ALA A 291 10.61 14.50 -9.55
C ALA A 291 9.14 14.71 -9.85
N ALA A 292 8.63 15.88 -9.43
CA ALA A 292 7.23 16.25 -9.55
C ALA A 292 6.89 16.82 -10.92
N LYS A 293 7.87 16.97 -11.79
CA LYS A 293 7.63 17.04 -13.22
C LYS A 293 7.90 15.71 -13.90
N LEU A 294 8.18 14.68 -13.10
CA LEU A 294 8.17 13.28 -13.52
C LEU A 294 6.99 12.52 -12.92
N GLN A 295 6.15 13.18 -12.12
CA GLN A 295 4.90 12.61 -11.67
C GLN A 295 3.72 13.17 -12.43
N ARG A 296 3.91 14.31 -13.06
CA ARG A 296 2.92 14.95 -13.90
C ARG A 296 2.80 14.25 -15.22
N GLN A 297 3.42 13.08 -15.30
CA GLN A 297 3.52 12.24 -16.47
C GLN A 297 2.87 10.90 -16.26
N THR A 298 2.98 10.36 -15.04
CA THR A 298 2.33 9.13 -14.65
C THR A 298 0.84 9.28 -14.39
N ILE A 299 0.29 10.51 -14.34
CA ILE A 299 -1.14 10.72 -14.16
C ILE A 299 -1.84 10.77 -15.50
N LEU A 300 -2.90 9.95 -15.63
CA LEU A 300 -3.51 9.55 -16.88
C LEU A 300 -4.98 9.90 -16.83
N SER A 301 -5.44 10.73 -17.75
CA SER A 301 -6.85 11.09 -17.79
C SER A 301 -7.69 9.83 -18.01
N PRO A 302 -8.94 9.80 -17.52
CA PRO A 302 -9.78 8.60 -17.68
C PRO A 302 -9.85 8.04 -19.10
N SER A 303 -10.25 8.83 -20.10
CA SER A 303 -10.43 8.23 -21.41
C SER A 303 -9.13 7.64 -21.94
N GLU A 304 -7.97 8.19 -21.56
CA GLU A 304 -6.72 7.50 -21.88
C GLU A 304 -6.66 6.10 -21.29
N ARG A 305 -6.69 6.03 -19.96
CA ARG A 305 -6.44 4.77 -19.29
C ARG A 305 -7.36 3.67 -19.83
N ARG A 306 -8.60 4.02 -20.19
CA ARG A 306 -9.46 3.09 -20.90
C ARG A 306 -8.87 2.70 -22.23
N ALA A 307 -8.43 3.70 -23.02
CA ALA A 307 -7.95 3.45 -24.37
C ALA A 307 -6.63 2.71 -24.36
N ARG A 308 -5.76 2.99 -23.39
CA ARG A 308 -4.54 2.18 -23.28
C ARG A 308 -4.86 0.72 -22.99
N VAL A 309 -5.83 0.44 -22.12
CA VAL A 309 -6.11 -0.94 -21.79
C VAL A 309 -6.79 -1.66 -22.95
N ASN A 310 -7.83 -1.03 -23.52
CA ASN A 310 -8.49 -1.60 -24.69
C ASN A 310 -7.49 -1.86 -25.82
N GLY A 311 -6.60 -0.91 -26.09
CA GLY A 311 -5.58 -1.12 -27.10
C GLY A 311 -4.70 -2.34 -26.83
N PHE A 312 -4.25 -2.49 -25.58
CA PHE A 312 -3.41 -3.65 -25.24
C PHE A 312 -4.19 -4.95 -25.39
N ILE A 313 -5.46 -4.97 -25.06
CA ILE A 313 -6.20 -6.23 -25.12
C ILE A 313 -6.37 -6.67 -26.56
N ARG A 314 -6.75 -5.74 -27.42
CA ARG A 314 -7.02 -6.07 -28.82
C ARG A 314 -5.76 -6.52 -29.56
N ARG A 315 -4.59 -6.04 -29.13
CA ARG A 315 -3.35 -6.17 -29.87
C ARG A 315 -2.45 -7.33 -29.41
N TYR A 316 -2.65 -7.88 -28.21
CA TYR A 316 -1.67 -8.85 -27.71
C TYR A 316 -2.31 -10.11 -27.17
N LEU A 317 -3.47 -10.01 -26.53
CA LEU A 317 -4.09 -11.13 -25.85
C LEU A 317 -5.21 -11.75 -26.64
N SER A 318 -5.27 -11.51 -27.94
CA SER A 318 -6.45 -11.99 -28.64
C SER A 318 -6.29 -13.45 -29.05
N GLU A 319 -5.42 -13.76 -30.01
CA GLU A 319 -5.25 -15.15 -30.40
C GLU A 319 -4.36 -15.77 -29.35
N LEU A 320 -4.79 -16.85 -28.72
CA LEU A 320 -4.09 -17.15 -27.48
C LEU A 320 -4.10 -18.64 -27.18
N ASN A 321 -2.93 -19.25 -27.31
CA ASN A 321 -2.80 -20.69 -27.58
C ASN A 321 -1.78 -21.32 -26.63
N ILE A 322 -2.27 -22.20 -25.75
CA ILE A 322 -1.46 -23.03 -24.86
C ILE A 322 -2.16 -24.38 -24.71
N GLY A 323 -1.64 -25.42 -25.36
CA GLY A 323 -2.34 -26.69 -25.27
C GLY A 323 -3.78 -26.54 -25.74
N GLY A 324 -4.71 -26.49 -24.77
CA GLY A 324 -6.03 -26.00 -25.11
C GLY A 324 -5.89 -24.60 -25.67
N ALA A 325 -5.96 -24.50 -26.99
CA ALA A 325 -5.71 -23.24 -27.69
C ALA A 325 -7.02 -22.58 -28.08
N LYS A 326 -7.77 -22.26 -27.04
CA LYS A 326 -9.07 -21.61 -27.11
C LYS A 326 -8.83 -20.35 -26.29
N LEU A 327 -9.87 -19.84 -25.63
CA LEU A 327 -9.65 -18.85 -24.57
C LEU A 327 -9.22 -17.48 -25.13
N SER A 328 -10.20 -16.86 -25.80
CA SER A 328 -10.12 -15.53 -26.35
C SER A 328 -10.86 -14.51 -25.47
N ALA A 329 -10.19 -13.41 -25.13
CA ALA A 329 -10.72 -12.49 -24.15
C ALA A 329 -11.69 -11.46 -24.74
N GLY A 330 -12.68 -11.91 -25.50
CA GLY A 330 -14.00 -11.29 -25.48
C GLY A 330 -14.12 -9.78 -25.56
N ALA A 331 -12.97 -9.08 -25.49
CA ALA A 331 -12.71 -7.75 -26.06
C ALA A 331 -13.97 -6.86 -26.09
N ARG A 332 -14.68 -6.83 -24.97
CA ARG A 332 -15.66 -5.80 -24.59
C ARG A 332 -15.75 -5.90 -23.08
N ALA A 333 -15.46 -4.83 -22.36
CA ALA A 333 -15.39 -4.90 -20.92
C ALA A 333 -16.77 -5.14 -20.28
N HIS A 334 -16.76 -5.46 -18.98
CA HIS A 334 -18.00 -5.63 -18.22
C HIS A 334 -18.63 -4.30 -17.81
N ALA A 335 -19.96 -4.25 -17.88
CA ALA A 335 -20.75 -3.08 -17.52
C ALA A 335 -21.95 -3.52 -16.69
N PHE A 336 -22.31 -2.72 -15.71
CA PHE A 336 -23.53 -2.95 -14.95
C PHE A 336 -24.19 -1.60 -14.73
N PHE A 337 -25.41 -1.67 -14.20
CA PHE A 337 -26.04 -0.56 -13.52
C PHE A 337 -25.74 -0.84 -12.06
N THR A 338 -25.51 0.19 -11.27
CA THR A 338 -25.65 -0.09 -9.84
C THR A 338 -26.07 1.17 -9.14
N GLU A 339 -26.53 0.95 -7.91
CA GLU A 339 -26.84 2.00 -6.96
C GLU A 339 -25.56 2.34 -6.24
N THR A 340 -25.19 3.60 -6.31
CA THR A 340 -24.01 4.06 -5.63
C THR A 340 -24.44 4.50 -4.23
N HIS A 341 -23.52 4.34 -3.28
CA HIS A 341 -23.76 4.70 -1.89
C HIS A 341 -23.77 6.20 -1.69
N MSE A 342 -24.77 6.70 -0.97
CA MSE A 342 -24.74 8.09 -0.54
C MSE A 342 -23.79 8.24 0.66
O MSE A 342 -23.58 7.28 1.43
CB MSE A 342 -26.14 8.60 -0.18
CG MSE A 342 -27.06 8.76 -1.38
SE MSE A 342 -26.41 10.10 -2.66
CE MSE A 342 -27.00 11.78 -1.87
N PRO A 343 -23.21 9.42 0.81
CA PRO A 343 -22.40 9.68 1.99
C PRO A 343 -23.25 9.53 3.24
N PRO A 344 -22.65 9.12 4.34
CA PRO A 344 -23.39 9.04 5.59
C PRO A 344 -23.70 10.42 6.11
N ALA A 345 -24.76 10.53 6.90
CA ALA A 345 -24.94 11.74 7.65
C ALA A 345 -23.97 11.76 8.82
N LEU A 346 -23.58 12.97 9.22
CA LEU A 346 -22.60 13.20 10.27
C LEU A 346 -23.12 14.12 11.38
N SER A 347 -22.54 14.00 12.57
CA SER A 347 -22.92 14.79 13.74
C SER A 347 -21.83 15.78 14.08
N PHE A 348 -22.09 17.07 13.93
CA PHE A 348 -21.16 18.06 14.42
C PHE A 348 -21.58 18.55 15.80
N GLY A 349 -20.85 19.53 16.32
CA GLY A 349 -21.09 20.00 17.67
C GLY A 349 -22.38 20.76 17.78
N ASN A 350 -22.91 20.81 19.02
CA ASN A 350 -24.25 21.32 19.31
C ASN A 350 -25.32 20.67 18.42
N GLY A 351 -25.33 19.33 18.42
CA GLY A 351 -26.29 18.50 17.72
C GLY A 351 -26.80 18.94 16.37
N THR A 352 -25.94 19.52 15.56
CA THR A 352 -26.32 19.94 14.22
C THR A 352 -25.86 18.83 13.29
N VAL A 353 -26.70 18.38 12.37
CA VAL A 353 -26.32 17.22 11.57
C VAL A 353 -26.29 17.61 10.11
N LEU A 354 -25.26 17.12 9.42
CA LEU A 354 -25.12 17.24 7.98
C LEU A 354 -25.48 15.91 7.36
N ALA A 355 -26.42 15.94 6.43
CA ALA A 355 -26.87 14.84 5.62
C ALA A 355 -26.86 15.29 4.17
N PRO A 356 -26.40 14.44 3.26
CA PRO A 356 -26.39 14.83 1.85
C PRO A 356 -27.80 15.01 1.37
N ASP A 357 -27.96 15.96 0.46
CA ASP A 357 -29.26 16.26 -0.11
C ASP A 357 -29.59 15.29 -1.24
N THR A 358 -30.85 14.88 -1.33
CA THR A 358 -31.27 13.92 -2.34
C THR A 358 -32.32 14.50 -3.29
N SER A 359 -32.26 15.81 -3.54
CA SER A 359 -32.89 16.42 -4.70
C SER A 359 -31.86 16.72 -5.81
N LYS A 360 -30.83 17.53 -5.48
CA LYS A 360 -29.75 17.88 -6.39
C LYS A 360 -29.16 16.61 -6.98
N ASP A 361 -28.99 16.60 -8.32
CA ASP A 361 -28.30 15.49 -8.95
C ASP A 361 -27.04 15.19 -8.16
N ARG A 362 -26.71 13.91 -8.07
CA ARG A 362 -25.71 13.43 -7.10
C ARG A 362 -24.51 14.36 -7.05
N PHE A 363 -24.14 14.96 -8.18
CA PHE A 363 -22.86 15.66 -8.25
C PHE A 363 -22.91 16.96 -7.45
N GLN A 364 -23.79 17.87 -7.85
CA GLN A 364 -23.82 19.20 -7.27
C GLN A 364 -24.07 19.14 -5.77
N ALA A 365 -24.65 18.04 -5.29
CA ALA A 365 -25.03 17.84 -3.90
C ALA A 365 -23.93 17.28 -3.04
N MSE A 366 -22.85 16.79 -3.64
CA MSE A 366 -21.77 16.20 -2.85
C MSE A 366 -20.63 17.15 -2.69
O MSE A 366 -20.00 17.20 -1.64
CB MSE A 366 -21.28 14.89 -3.46
CG MSE A 366 -22.34 13.81 -3.35
SE MSE A 366 -21.81 12.18 -4.27
CE MSE A 366 -23.36 11.04 -4.15
N GLN A 367 -20.35 17.92 -3.73
CA GLN A 367 -19.49 19.07 -3.52
C GLN A 367 -20.07 19.97 -2.43
N GLU A 368 -21.41 20.16 -2.42
CA GLU A 368 -22.04 20.82 -1.26
C GLU A 368 -21.63 20.15 0.03
N TYR A 369 -21.82 18.83 0.10
CA TYR A 369 -21.58 18.08 1.34
C TYR A 369 -20.14 18.21 1.78
N SER A 370 -19.20 17.99 0.85
CA SER A 370 -17.82 17.86 1.25
C SER A 370 -17.25 19.20 1.69
N SER A 371 -17.73 20.30 1.10
CA SER A 371 -17.35 21.63 1.56
C SER A 371 -17.97 21.96 2.90
N MSE A 372 -19.18 21.49 3.17
CA MSE A 372 -19.79 21.68 4.48
C MSE A 372 -18.95 21.13 5.60
O MSE A 372 -18.83 21.75 6.63
CB MSE A 372 -21.17 21.04 4.52
CG MSE A 372 -22.14 21.80 3.71
SE MSE A 372 -22.66 23.43 4.63
CE MSE A 372 -23.92 22.56 5.82
N ARG A 373 -18.35 19.96 5.40
CA ARG A 373 -17.53 19.39 6.45
C ARG A 373 -16.47 20.38 6.92
N ARG A 374 -15.97 21.24 6.05
CA ARG A 374 -15.01 22.22 6.54
C ARG A 374 -15.73 23.42 7.13
N THR A 375 -16.70 23.99 6.41
CA THR A 375 -17.29 25.24 6.87
C THR A 375 -17.98 25.05 8.20
N MSE A 376 -18.65 23.91 8.39
CA MSE A 376 -19.33 23.57 9.64
C MSE A 376 -18.37 23.39 10.80
O MSE A 376 -18.67 23.76 11.93
CB MSE A 376 -20.18 22.31 9.52
CG MSE A 376 -21.54 22.53 8.86
SE MSE A 376 -22.80 21.04 8.86
CE MSE A 376 -23.16 21.01 10.77
N MSE A 377 -17.24 22.77 10.53
CA MSE A 377 -16.26 22.52 11.56
C MSE A 377 -15.66 23.83 12.12
O MSE A 377 -15.30 23.94 13.30
CB MSE A 377 -15.20 21.60 10.96
CG MSE A 377 -14.00 21.38 11.84
SE MSE A 377 -12.53 20.47 11.00
CE MSE A 377 -12.20 21.83 9.66
N LEU A 378 -15.57 24.83 11.26
CA LEU A 378 -15.02 26.13 11.59
C LEU A 378 -16.06 27.07 12.20
N ASP A 379 -17.25 27.12 11.62
CA ASP A 379 -18.37 27.92 12.13
C ASP A 379 -18.56 27.74 13.63
N LYS A 380 -18.71 28.85 14.35
CA LYS A 380 -18.72 28.81 15.82
C LYS A 380 -20.08 28.48 16.42
N LYS A 381 -21.16 28.71 15.68
CA LYS A 381 -22.47 28.23 16.10
C LYS A 381 -22.45 26.70 16.24
N VAL A 382 -21.74 26.01 15.32
CA VAL A 382 -21.72 24.56 15.33
C VAL A 382 -20.33 23.95 15.58
N GLY A 383 -19.44 23.95 14.60
CA GLY A 383 -18.10 23.51 15.01
C GLY A 383 -17.92 22.08 15.50
N PHE A 384 -16.84 21.90 16.25
CA PHE A 384 -16.40 20.55 16.62
C PHE A 384 -17.44 19.79 17.43
N PHE A 385 -17.53 18.48 17.16
CA PHE A 385 -18.42 17.62 17.92
C PHE A 385 -18.03 17.60 19.37
N HIS A 386 -16.77 17.29 19.65
CA HIS A 386 -16.31 17.23 21.03
C HIS A 386 -15.71 18.58 21.37
N GLN A 387 -16.41 19.42 22.15
CA GLN A 387 -15.86 20.71 22.58
C GLN A 387 -15.63 20.68 24.08
N ASP A 388 -14.43 21.09 24.51
CA ASP A 388 -13.96 20.99 25.89
C ASP A 388 -12.56 21.59 25.94
N VAL A 389 -12.12 21.98 27.13
CA VAL A 389 -10.83 22.68 27.25
C VAL A 389 -9.66 21.71 27.15
N PHE A 390 -8.55 22.19 26.63
CA PHE A 390 -7.43 21.26 26.55
C PHE A 390 -6.82 21.07 27.92
N PRO A 391 -6.49 19.84 28.29
CA PRO A 391 -5.53 19.59 29.39
C PRO A 391 -4.19 20.22 29.08
N PRO A 392 -3.27 20.31 30.05
CA PRO A 392 -2.05 21.12 29.85
C PRO A 392 -1.26 20.64 28.64
N GLN A 393 -0.57 21.57 27.96
CA GLN A 393 0.25 21.20 26.80
C GLN A 393 1.73 21.59 26.98
N THR A 394 2.51 21.32 25.93
CA THR A 394 3.93 21.66 25.87
C THR A 394 4.37 21.64 24.42
N LEU A 395 4.86 22.76 23.94
CA LEU A 395 5.49 22.84 22.63
C LEU A 395 6.99 22.83 22.90
N LEU A 396 7.72 21.94 22.21
CA LEU A 396 9.12 21.67 22.51
C LEU A 396 9.96 22.03 21.29
N LEU A 397 10.88 22.96 21.46
CA LEU A 397 11.49 23.62 20.33
C LEU A 397 13.00 23.51 20.38
N PRO A 398 13.66 23.39 19.22
CA PRO A 398 15.12 23.47 19.21
C PRO A 398 15.55 24.84 19.68
N GLU A 399 16.59 24.86 20.52
CA GLU A 399 17.07 26.15 21.01
C GLU A 399 17.66 26.98 19.89
N SER A 400 18.05 26.35 18.76
CA SER A 400 18.45 27.18 17.63
C SER A 400 17.24 27.94 17.13
N VAL A 401 16.06 27.32 17.18
CA VAL A 401 14.84 27.96 16.71
C VAL A 401 14.10 28.69 17.84
N LYS A 402 14.40 28.45 19.12
CA LYS A 402 13.77 29.38 20.05
C LYS A 402 14.35 30.78 19.91
N LYS A 403 15.60 30.89 19.47
CA LYS A 403 16.22 32.21 19.41
C LYS A 403 16.02 32.92 18.08
N SER A 404 15.42 32.30 17.07
CA SER A 404 15.34 32.96 15.78
C SER A 404 13.88 33.26 15.41
N TRP A 405 13.07 32.25 15.14
CA TRP A 405 11.70 32.57 14.79
C TRP A 405 10.71 31.81 15.65
N GLY A 406 11.18 31.02 16.61
CA GLY A 406 10.33 30.35 17.53
C GLY A 406 9.15 31.20 17.93
N PRO A 407 9.43 32.34 18.57
CA PRO A 407 8.32 33.15 19.13
C PRO A 407 7.26 33.60 18.12
N ALA A 408 7.68 34.04 16.93
CA ALA A 408 6.72 34.40 15.88
C ALA A 408 5.87 33.19 15.50
N PHE A 409 6.52 32.07 15.26
CA PHE A 409 5.82 30.85 14.88
C PHE A 409 4.89 30.38 15.98
N ALA A 410 5.41 30.23 17.20
CA ALA A 410 4.56 29.88 18.32
C ALA A 410 3.41 30.86 18.45
N SER A 411 3.65 32.15 18.22
CA SER A 411 2.56 33.11 18.34
C SER A 411 1.49 32.85 17.31
N ASP A 412 1.89 32.71 16.05
CA ASP A 412 0.90 32.42 15.03
C ASP A 412 0.26 31.07 15.27
N PHE A 413 1.06 30.08 15.66
CA PHE A 413 0.53 28.74 15.82
C PHE A 413 -0.54 28.69 16.89
N VAL A 414 -0.30 29.31 18.06
CA VAL A 414 -1.35 29.33 19.08
C VAL A 414 -2.57 30.06 18.56
N GLY A 415 -2.34 31.16 17.83
CA GLY A 415 -3.46 31.88 17.27
C GLY A 415 -4.29 30.99 16.39
N THR A 416 -3.62 30.22 15.54
CA THR A 416 -4.31 29.34 14.61
C THR A 416 -5.13 28.30 15.34
N VAL A 417 -4.60 27.75 16.42
CA VAL A 417 -5.33 26.78 17.22
C VAL A 417 -6.60 27.39 17.76
N GLN A 418 -6.54 28.64 18.23
CA GLN A 418 -7.74 29.14 18.85
C GLN A 418 -8.78 29.58 17.86
N GLU A 419 -8.40 29.87 16.63
CA GLU A 419 -9.45 30.12 15.65
C GLU A 419 -10.02 28.83 15.07
N LEU A 420 -9.51 27.68 15.47
CA LEU A 420 -10.02 26.42 14.96
C LEU A 420 -10.81 25.68 16.03
N TYR A 421 -10.25 25.63 17.23
CA TYR A 421 -10.86 24.96 18.35
C TYR A 421 -11.00 25.94 19.50
N PRO A 422 -11.89 26.92 19.37
CA PRO A 422 -11.95 27.96 20.39
C PRO A 422 -12.18 27.40 21.78
N ALA A 423 -13.01 26.38 21.91
CA ALA A 423 -13.34 25.86 23.24
C ALA A 423 -12.13 25.28 23.94
N GLY A 424 -11.03 25.09 23.25
CA GLY A 424 -9.94 24.42 23.92
C GLY A 424 -9.15 25.35 24.80
N GLY A 425 -9.02 26.61 24.37
CA GLY A 425 -8.17 27.56 25.06
C GLY A 425 -6.74 27.09 25.08
N TYR A 426 -6.11 27.10 23.92
CA TYR A 426 -4.73 26.62 23.80
C TYR A 426 -3.76 27.56 24.50
N ARG A 427 -2.88 27.00 25.30
CA ARG A 427 -1.88 27.85 25.93
C ARG A 427 -0.72 26.97 26.37
N PRO A 428 0.24 26.74 25.50
CA PRO A 428 1.24 25.71 25.77
C PRO A 428 2.52 26.23 26.39
N GLU A 429 3.09 25.55 27.38
CA GLU A 429 4.44 25.91 27.82
C GLU A 429 5.44 25.80 26.65
N ILE A 430 6.50 26.61 26.68
CA ILE A 430 7.46 26.57 25.59
C ILE A 430 8.84 26.22 26.12
N ILE A 431 9.16 24.94 26.00
CA ILE A 431 10.39 24.39 26.42
C ILE A 431 11.26 24.22 25.19
N GLU A 432 12.53 23.91 25.42
CA GLU A 432 13.53 23.85 24.37
C GLU A 432 14.48 22.73 24.76
N TYR A 433 15.21 22.26 23.77
CA TYR A 433 16.26 21.29 23.98
C TYR A 433 17.44 21.80 23.18
N ARG A 434 18.62 21.33 23.53
CA ARG A 434 19.83 22.04 23.15
C ARG A 434 20.42 21.39 21.91
N ASP A 435 19.75 21.66 20.78
CA ASP A 435 19.95 20.88 19.56
C ASP A 435 21.33 21.04 18.96
N LYS A 436 22.11 21.99 19.44
CA LYS A 436 23.43 22.15 18.88
C LYS A 436 24.52 21.59 19.79
N ALA A 437 24.21 21.32 21.06
CA ALA A 437 25.25 20.85 21.96
C ALA A 437 25.78 19.52 21.49
N TYR A 438 24.99 18.46 21.59
CA TYR A 438 25.52 17.12 21.38
C TYR A 438 25.21 16.65 19.97
N GLY A 439 26.26 16.30 19.23
CA GLY A 439 26.13 15.79 17.89
C GLY A 439 25.31 16.73 17.05
N GLY A 440 24.89 16.27 15.88
CA GLY A 440 23.79 16.87 15.17
C GLY A 440 23.08 15.81 14.36
N GLY A 441 23.53 14.55 14.51
CA GLY A 441 22.86 13.42 13.91
C GLY A 441 21.78 12.90 14.83
N VAL A 442 21.15 11.80 14.42
CA VAL A 442 20.07 11.22 15.23
C VAL A 442 20.50 10.92 16.66
N PRO A 443 21.69 10.33 16.91
CA PRO A 443 22.20 10.33 18.29
C PRO A 443 22.66 11.72 18.67
N GLY A 444 22.47 12.08 19.93
CA GLY A 444 22.75 13.44 20.33
C GLY A 444 21.53 14.35 20.28
N GLN A 445 20.95 14.57 19.09
CA GLN A 445 19.61 15.14 19.01
C GLN A 445 18.76 14.43 20.05
N MSE A 446 18.81 13.12 20.02
CA MSE A 446 18.18 12.28 21.02
C MSE A 446 18.75 12.46 22.44
O MSE A 446 17.98 12.46 23.42
CB MSE A 446 18.31 10.83 20.58
CG MSE A 446 17.38 9.94 21.33
SE MSE A 446 15.62 10.19 20.61
CE MSE A 446 14.53 9.14 21.82
N LYS A 447 20.07 12.60 22.58
CA LYS A 447 20.64 12.76 23.91
C LYS A 447 20.16 14.05 24.56
N ALA A 448 19.92 15.09 23.74
CA ALA A 448 19.41 16.38 24.21
C ALA A 448 17.94 16.30 24.52
N LEU A 449 17.17 15.63 23.66
CA LEU A 449 15.76 15.42 23.95
C LEU A 449 15.60 14.62 25.24
N LEU A 450 16.39 13.56 25.38
CA LEU A 450 16.29 12.75 26.59
C LEU A 450 16.76 13.52 27.80
N GLU A 451 17.87 14.27 27.68
CA GLU A 451 18.34 15.02 28.84
C GLU A 451 17.27 15.98 29.36
N VAL A 452 16.55 16.64 28.45
CA VAL A 452 15.48 17.55 28.88
C VAL A 452 14.38 16.76 29.57
N ALA A 453 13.96 15.65 28.96
CA ALA A 453 12.93 14.82 29.58
C ALA A 453 13.38 14.34 30.96
N GLU A 454 14.66 13.95 31.08
CA GLU A 454 15.18 13.45 32.34
C GLU A 454 14.91 14.44 33.44
N ARG A 455 15.33 15.69 33.22
CA ARG A 455 15.15 16.77 34.17
C ARG A 455 13.71 16.92 34.61
N GLY A 456 12.76 16.32 33.91
CA GLY A 456 11.38 16.63 34.21
C GLY A 456 10.93 17.98 33.71
N GLU A 457 11.65 18.55 32.74
CA GLU A 457 11.27 19.86 32.20
C GLU A 457 9.95 19.82 31.44
N ILE A 458 9.49 18.65 31.03
CA ILE A 458 8.18 18.51 30.40
C ILE A 458 7.19 18.10 31.48
N LYS A 459 6.60 19.12 32.10
CA LYS A 459 5.35 19.02 32.83
C LYS A 459 4.25 18.63 31.84
N SER A 460 3.04 18.42 32.33
CA SER A 460 1.93 18.07 31.46
C SER A 460 2.08 16.68 30.83
N GLY A 461 0.99 16.17 30.27
CA GLY A 461 1.02 14.86 29.67
C GLY A 461 1.34 14.89 28.20
N ASP A 462 0.66 15.75 27.45
CA ASP A 462 0.74 15.78 26.00
C ASP A 462 1.82 16.76 25.53
N VAL A 463 2.56 16.38 24.49
CA VAL A 463 3.67 17.16 23.97
C VAL A 463 3.56 17.25 22.46
N LEU A 464 4.12 18.32 21.91
CA LEU A 464 4.37 18.47 20.49
C LEU A 464 5.81 18.91 20.36
N VAL A 465 6.63 18.11 19.73
CA VAL A 465 8.04 18.45 19.59
C VAL A 465 8.32 18.80 18.13
N MSE A 466 9.19 19.78 17.96
CA MSE A 466 9.68 20.17 16.67
C MSE A 466 11.06 19.58 16.49
O MSE A 466 11.93 19.84 17.30
CB MSE A 466 9.78 21.68 16.56
CG MSE A 466 10.39 22.09 15.23
SE MSE A 466 10.61 23.97 14.96
CE MSE A 466 8.76 24.36 14.64
N LEU A 467 11.27 18.83 15.43
CA LEU A 467 12.55 18.18 15.20
C LEU A 467 13.11 18.61 13.85
N HIS A 468 14.29 18.08 13.53
CA HIS A 468 15.02 18.37 12.31
C HIS A 468 15.00 17.14 11.40
N ARG A 469 15.08 17.36 10.10
CA ARG A 469 15.09 16.27 9.15
C ARG A 469 16.54 15.89 8.85
N ILE A 470 16.89 14.62 8.99
CA ILE A 470 18.28 14.19 8.86
C ILE A 470 18.59 13.67 7.46
N ASN A 471 17.72 12.86 6.87
CA ASN A 471 17.99 12.25 5.58
C ASN A 471 16.79 12.37 4.64
N GLY A 472 17.09 12.36 3.34
CA GLY A 472 16.07 12.38 2.31
C GLY A 472 15.56 11.00 1.95
N ALA A 473 14.63 10.99 0.95
CA ALA A 473 13.85 9.87 0.42
C ALA A 473 12.72 9.48 1.39
N PRO A 474 11.53 9.10 0.88
CA PRO A 474 10.44 8.68 1.79
C PRO A 474 10.65 7.28 2.37
N ARG A 475 11.43 6.45 1.67
CA ARG A 475 11.80 5.10 2.12
C ARG A 475 12.77 5.12 3.30
N ALA A 476 13.48 6.23 3.52
CA ALA A 476 14.36 6.34 4.69
C ALA A 476 13.57 6.18 5.98
N GLN A 477 12.36 6.77 6.04
CA GLN A 477 11.59 6.95 7.26
C GLN A 477 12.42 7.68 8.32
N ASP A 478 11.83 8.68 8.98
CA ASP A 478 12.53 9.35 10.06
C ASP A 478 12.67 8.35 11.20
N LYS A 479 13.87 7.77 11.34
CA LYS A 479 14.10 6.97 12.52
C LYS A 479 14.05 7.82 13.78
N LEU A 480 14.33 9.13 13.67
CA LEU A 480 14.32 10.03 14.82
C LEU A 480 12.91 10.37 15.29
N ALA A 481 11.99 10.62 14.38
CA ALA A 481 10.61 10.89 14.78
C ALA A 481 10.05 9.73 15.59
N ALA A 482 10.11 8.52 15.01
CA ALA A 482 9.60 7.32 15.64
C ALA A 482 10.18 7.13 17.04
N MSE A 483 11.48 7.34 17.17
CA MSE A 483 12.23 7.02 18.36
C MSE A 483 11.95 7.99 19.54
O MSE A 483 12.00 7.60 20.72
CB MSE A 483 13.69 7.04 17.96
CG MSE A 483 14.67 6.38 18.89
SE MSE A 483 16.41 6.53 18.00
CE MSE A 483 16.14 5.23 16.57
N VAL A 484 11.68 9.25 19.20
CA VAL A 484 11.26 10.22 20.20
C VAL A 484 9.90 9.83 20.75
N CYS A 485 8.97 9.44 19.86
CA CYS A 485 7.70 8.87 20.33
C CYS A 485 7.95 7.64 21.21
N ASN A 486 8.73 6.67 20.75
CA ASN A 486 8.96 5.47 21.53
C ASN A 486 9.44 5.80 22.93
N GLU A 487 10.57 6.51 23.05
CA GLU A 487 11.16 6.78 24.36
C GLU A 487 10.27 7.65 25.25
N PHE A 488 9.64 8.69 24.67
CA PHE A 488 8.84 9.61 25.46
C PHE A 488 7.61 8.93 26.03
N GLU A 489 6.96 8.06 25.25
CA GLU A 489 5.76 7.35 25.67
C GLU A 489 6.08 6.28 26.68
N LYS A 490 7.16 5.54 26.47
CA LYS A 490 7.45 4.29 27.16
C LYS A 490 8.17 4.53 28.49
N ARG A 491 9.14 5.45 28.54
CA ARG A 491 9.88 5.77 29.76
C ARG A 491 9.37 6.99 30.53
N PHE A 492 8.65 7.90 29.89
CA PHE A 492 7.95 9.01 30.54
C PHE A 492 6.46 8.95 30.20
N GLY A 493 5.67 9.82 30.78
CA GLY A 493 4.25 9.55 30.66
C GLY A 493 3.50 10.17 29.49
N LYS A 494 4.11 10.26 28.33
CA LYS A 494 3.75 11.32 27.38
C LYS A 494 3.06 10.77 26.15
N ARG A 495 2.06 11.49 25.65
CA ARG A 495 1.56 11.27 24.30
C ARG A 495 2.10 12.37 23.41
N VAL A 496 2.92 12.02 22.43
CA VAL A 496 3.71 12.99 21.70
C VAL A 496 3.27 13.08 20.24
N GLN A 497 3.31 14.30 19.70
CA GLN A 497 3.10 14.65 18.29
C GLN A 497 4.35 15.32 17.75
N VAL A 498 4.53 15.28 16.44
CA VAL A 498 5.81 15.65 15.85
C VAL A 498 5.62 16.52 14.63
N ILE A 499 6.29 17.67 14.63
CA ILE A 499 6.48 18.53 13.46
C ILE A 499 7.98 18.72 13.25
N HIS A 500 8.32 19.28 12.11
CA HIS A 500 9.72 19.43 11.74
C HIS A 500 10.07 20.90 11.51
N SER A 501 11.32 21.26 11.80
CA SER A 501 11.79 22.64 11.69
C SER A 501 11.81 23.16 10.25
N ASP A 502 12.11 22.32 9.27
CA ASP A 502 12.37 22.85 7.94
C ASP A 502 11.17 23.59 7.35
N SER A 503 9.94 23.09 7.62
CA SER A 503 8.79 23.52 6.83
C SER A 503 8.33 24.90 7.27
N PRO A 504 8.14 25.19 8.57
CA PRO A 504 7.87 26.57 8.99
C PRO A 504 9.07 27.51 8.89
N GLY A 505 10.30 27.00 8.94
CA GLY A 505 11.45 27.85 8.72
C GLY A 505 11.59 28.30 7.28
N ARG A 506 10.59 27.99 6.48
CA ARG A 506 10.49 28.59 5.16
C ARG A 506 9.56 29.77 5.14
N GLY A 507 8.57 29.79 6.01
CA GLY A 507 7.49 30.74 5.99
C GLY A 507 7.72 31.95 6.85
N TYR A 508 8.92 32.10 7.41
CA TYR A 508 9.27 33.28 8.18
C TYR A 508 10.53 33.94 7.64
N LYS A 509 10.44 35.24 7.36
CA LYS A 509 11.59 36.11 7.11
C LYS A 509 11.80 37.07 8.28
N ARG A 510 12.95 37.74 8.28
CA ARG A 510 13.22 38.79 9.26
C ARG A 510 13.15 40.12 8.55
N ILE A 511 12.21 40.93 8.98
CA ILE A 511 12.04 42.28 8.52
C ILE A 511 12.57 43.09 9.69
N PHE A 512 12.93 44.34 9.43
CA PHE A 512 13.33 45.22 10.52
C PHE A 512 12.13 46.10 10.86
N LYS A 513 11.64 45.99 12.09
CA LYS A 513 10.48 46.80 12.46
C LYS A 513 10.75 47.59 13.73
N ASN A 514 10.53 48.92 13.65
CA ASN A 514 10.66 49.86 14.76
C ASN A 514 11.97 49.68 15.49
N ASP A 515 13.08 49.70 14.76
CA ASP A 515 14.40 49.68 15.40
C ASP A 515 14.68 48.35 16.10
N LYS A 516 14.08 47.25 15.65
CA LYS A 516 14.37 45.91 16.15
C LYS A 516 14.18 44.88 15.05
N PRO A 517 14.99 43.83 15.04
CA PRO A 517 14.67 42.69 14.21
C PRO A 517 13.50 41.93 14.80
N THR A 518 12.71 41.38 13.90
CA THR A 518 11.45 40.76 14.24
C THR A 518 11.08 39.81 13.11
N TYR A 519 10.42 38.70 13.43
CA TYR A 519 10.12 37.74 12.38
C TYR A 519 8.66 37.83 11.98
N VAL A 520 8.41 37.99 10.69
CA VAL A 520 7.07 38.03 10.14
C VAL A 520 6.99 36.97 9.04
N GLN A 521 5.77 36.65 8.64
CA GLN A 521 5.50 35.56 7.69
C GLN A 521 5.91 35.94 6.26
N GLN A 522 6.04 34.94 5.39
CA GLN A 522 6.19 35.21 3.96
C GLN A 522 5.47 34.18 3.10
N ARG A 523 5.12 34.61 1.89
CA ARG A 523 4.18 33.89 1.05
C ARG A 523 4.66 33.89 -0.39
N GLY A 524 5.93 33.60 -0.60
CA GLY A 524 6.42 33.71 -1.96
C GLY A 524 6.34 32.38 -2.67
N ARG A 525 7.49 31.75 -2.79
CA ARG A 525 7.65 30.35 -3.14
C ARG A 525 7.69 29.55 -1.83
N GLY A 526 8.15 28.31 -1.88
CA GLY A 526 8.35 27.54 -0.65
C GLY A 526 7.04 26.97 -0.14
N VAL A 527 6.77 27.16 1.15
CA VAL A 527 5.55 26.64 1.75
C VAL A 527 4.57 27.79 2.02
N ASN A 528 3.30 27.44 1.99
CA ASN A 528 2.18 28.32 2.21
C ASN A 528 1.92 28.29 3.72
N ILE A 529 2.53 29.22 4.45
CA ILE A 529 2.62 29.05 5.89
C ILE A 529 1.32 29.28 6.61
N LYS A 530 0.39 30.03 6.03
CA LYS A 530 -0.93 30.13 6.64
C LYS A 530 -1.65 28.78 6.56
N GLY A 531 -1.68 28.16 5.39
CA GLY A 531 -2.26 26.84 5.28
C GLY A 531 -1.55 25.81 6.13
N TYR A 532 -0.23 25.92 6.26
CA TYR A 532 0.50 24.92 7.04
C TYR A 532 0.15 25.04 8.50
N LEU A 533 0.04 26.26 9.00
CA LEU A 533 -0.33 26.45 10.40
C LEU A 533 -1.73 25.92 10.65
N LYS A 534 -2.67 26.20 9.74
CA LYS A 534 -4.02 25.65 9.87
C LYS A 534 -4.00 24.12 9.94
N GLY A 535 -3.42 23.47 8.94
CA GLY A 535 -3.46 22.02 8.91
C GLY A 535 -2.73 21.34 10.05
N ALA A 536 -1.65 21.93 10.54
CA ALA A 536 -0.93 21.32 11.64
C ALA A 536 -1.58 21.60 12.97
N ALA A 537 -2.31 22.69 13.11
CA ALA A 537 -3.13 22.86 14.29
C ALA A 537 -4.15 21.74 14.38
N LEU A 538 -4.89 21.50 13.29
CA LEU A 538 -5.89 20.44 13.31
C LEU A 538 -5.26 19.08 13.56
N ASN A 539 -4.25 18.71 12.79
CA ASN A 539 -3.78 17.34 12.87
C ASN A 539 -3.02 17.09 14.15
N LYS A 540 -2.06 17.94 14.48
CA LYS A 540 -1.20 17.57 15.60
C LYS A 540 -1.83 17.87 16.96
N VAL A 541 -2.75 18.84 17.03
CA VAL A 541 -3.28 19.34 18.31
C VAL A 541 -4.69 18.84 18.59
N CYS A 542 -5.63 19.09 17.66
CA CYS A 542 -7.03 18.73 17.89
C CYS A 542 -7.23 17.22 17.80
N LEU A 543 -6.72 16.62 16.74
CA LEU A 543 -6.72 15.17 16.66
C LEU A 543 -5.72 14.59 17.64
N GLY A 544 -4.57 15.25 17.82
CA GLY A 544 -3.59 14.78 18.78
C GLY A 544 -4.12 14.70 20.19
N ASN A 545 -5.14 15.51 20.52
CA ASN A 545 -5.83 15.43 21.80
C ASN A 545 -7.22 14.83 21.68
N SER A 546 -7.52 14.18 20.58
CA SER A 546 -8.65 13.25 20.52
C SER A 546 -9.97 14.00 20.62
N ARG A 547 -10.05 15.15 19.94
CA ARG A 547 -11.24 15.98 19.85
C ARG A 547 -11.74 15.87 18.41
N TRP A 548 -12.60 14.88 18.16
CA TRP A 548 -12.99 14.54 16.80
C TRP A 548 -13.98 15.57 16.25
N PRO A 549 -13.74 16.07 15.05
CA PRO A 549 -14.64 17.11 14.53
C PRO A 549 -16.05 16.65 14.17
N PHE A 550 -16.23 15.45 13.63
CA PHE A 550 -17.57 15.03 13.21
C PHE A 550 -17.56 13.52 13.14
N VAL A 551 -18.70 12.93 13.47
CA VAL A 551 -18.75 11.51 13.84
C VAL A 551 -19.90 10.65 13.35
N LEU A 552 -20.44 10.82 12.14
CA LEU A 552 -21.27 9.70 11.66
C LEU A 552 -22.51 9.41 12.50
N ARG A 553 -23.53 10.24 12.41
CA ARG A 553 -24.75 10.04 13.19
C ARG A 553 -25.22 8.60 13.34
N ASP A 554 -25.47 7.96 12.25
CA ASP A 554 -26.10 6.66 12.08
C ASP A 554 -25.08 5.52 12.17
N PRO A 555 -25.49 4.37 12.66
CA PRO A 555 -24.53 3.31 12.95
C PRO A 555 -24.08 2.55 11.71
N LEU A 556 -22.85 2.04 11.80
CA LEU A 556 -22.28 1.18 10.78
C LEU A 556 -22.82 -0.24 10.93
N ASN A 557 -22.47 -1.10 9.97
CA ASN A 557 -22.85 -2.50 10.11
C ASN A 557 -22.10 -3.12 11.27
N ALA A 558 -20.79 -2.98 11.30
CA ALA A 558 -20.09 -3.41 12.50
C ALA A 558 -20.45 -2.48 13.66
N ASP A 559 -20.31 -3.01 14.88
CA ASP A 559 -20.33 -2.17 16.07
C ASP A 559 -18.94 -1.73 16.48
N VAL A 560 -17.93 -2.54 16.20
CA VAL A 560 -16.54 -2.15 16.36
C VAL A 560 -15.78 -2.63 15.13
N THR A 561 -14.85 -1.82 14.65
CA THR A 561 -13.85 -2.33 13.72
C THR A 561 -12.46 -2.04 14.31
N ILE A 562 -11.42 -2.63 13.72
CA ILE A 562 -10.06 -2.52 14.22
C ILE A 562 -9.10 -2.56 13.05
N GLY A 563 -8.35 -1.50 12.81
CA GLY A 563 -7.25 -1.59 11.89
C GLY A 563 -6.07 -2.33 12.51
N ILE A 564 -5.24 -2.92 11.64
CA ILE A 564 -3.97 -3.54 12.03
C ILE A 564 -2.98 -3.36 10.89
N ASP A 565 -1.74 -3.04 11.26
CA ASP A 565 -0.64 -2.86 10.31
C ASP A 565 0.65 -3.19 11.04
N VAL A 566 1.49 -4.01 10.42
CA VAL A 566 2.85 -4.18 10.90
C VAL A 566 3.78 -3.93 9.73
N LYS A 567 4.71 -3.00 9.93
CA LYS A 567 5.79 -2.66 9.02
C LYS A 567 6.98 -2.27 9.90
N ASN A 568 8.17 -2.80 9.59
CA ASN A 568 9.38 -2.52 10.37
C ASN A 568 9.20 -2.84 11.85
N ASN A 569 8.91 -4.11 12.13
CA ASN A 569 8.79 -4.65 13.49
C ASN A 569 8.08 -3.72 14.45
N MSE A 570 7.10 -2.99 13.94
CA MSE A 570 6.23 -2.21 14.76
C MSE A 570 4.82 -2.49 14.29
O MSE A 570 4.52 -2.41 13.10
CB MSE A 570 6.56 -0.72 14.66
CG MSE A 570 5.74 0.15 15.64
SE MSE A 570 6.11 -0.08 17.58
CE MSE A 570 7.73 1.02 17.71
N ALA A 571 3.97 -2.84 15.24
CA ALA A 571 2.56 -3.11 14.99
C ALA A 571 1.75 -1.90 15.42
N VAL A 572 0.64 -1.65 14.72
CA VAL A 572 -0.26 -0.56 15.05
C VAL A 572 -1.69 -1.06 15.01
N PHE A 573 -2.43 -0.89 16.09
CA PHE A 573 -3.82 -1.30 16.18
C PHE A 573 -4.66 -0.04 16.36
N THR A 574 -5.60 0.22 15.44
CA THR A 574 -6.58 1.25 15.75
C THR A 574 -7.87 0.59 16.19
N MSE A 575 -8.86 1.40 16.54
CA MSE A 575 -10.16 0.92 16.96
C MSE A 575 -11.21 2.00 16.85
O MSE A 575 -11.06 3.07 17.37
CB MSE A 575 -10.07 0.44 18.40
CG MSE A 575 -11.41 0.12 19.03
SE MSE A 575 -11.28 -0.57 20.86
CE MSE A 575 -13.18 -0.38 21.23
N VAL A 576 -12.30 1.74 16.14
CA VAL A 576 -13.33 2.74 15.92
C VAL A 576 -14.68 2.17 16.37
N ALA A 577 -15.29 2.79 17.37
CA ALA A 577 -16.61 2.37 17.81
C ALA A 577 -17.53 3.57 17.75
N GLU A 578 -18.76 3.34 18.24
CA GLU A 578 -19.91 4.24 18.10
C GLU A 578 -19.87 4.79 16.69
N GLY A 579 -20.14 6.07 16.51
CA GLY A 579 -20.03 6.52 15.14
C GLY A 579 -18.64 6.95 14.72
N GLY A 580 -17.61 6.67 15.51
CA GLY A 580 -16.39 7.43 15.53
C GLY A 580 -16.21 8.18 16.82
N ARG A 581 -17.22 8.14 17.66
CA ARG A 581 -17.19 8.80 18.96
C ARG A 581 -16.11 8.21 19.85
N ILE A 582 -15.75 6.95 19.63
CA ILE A 582 -14.74 6.25 20.42
C ILE A 582 -13.66 5.78 19.46
N VAL A 583 -12.42 6.24 19.67
CA VAL A 583 -11.28 5.86 18.84
C VAL A 583 -10.04 5.69 19.73
N ARG A 584 -9.33 4.58 19.60
CA ARG A 584 -8.00 4.45 20.20
C ARG A 584 -7.01 4.08 19.12
N VAL A 585 -5.75 4.34 19.39
CA VAL A 585 -4.62 3.78 18.68
C VAL A 585 -3.69 3.23 19.75
N GLN A 586 -3.11 2.05 19.51
CA GLN A 586 -2.01 1.60 20.37
C GLN A 586 -0.90 1.04 19.51
N ARG A 587 0.32 1.20 20.00
CA ARG A 587 1.48 0.64 19.35
C ARG A 587 2.10 -0.44 20.23
N SER A 588 2.71 -1.45 19.60
CA SER A 588 3.51 -2.45 20.31
C SER A 588 4.42 -3.16 19.32
N ARG A 589 5.55 -3.69 19.82
CA ARG A 589 6.61 -4.17 18.94
C ARG A 589 6.36 -5.59 18.45
N SER A 590 6.76 -5.85 17.20
CA SER A 590 6.49 -7.12 16.56
C SER A 590 7.79 -7.90 16.39
N ARG A 591 7.81 -9.12 16.93
CA ARG A 591 8.97 -9.99 16.81
C ARG A 591 9.25 -10.31 15.35
N GLN A 592 8.23 -10.74 14.62
CA GLN A 592 8.37 -10.82 13.17
C GLN A 592 8.42 -9.42 12.57
N ARG A 593 9.04 -9.30 11.40
CA ARG A 593 9.16 -8.00 10.74
C ARG A 593 7.80 -7.38 10.46
N GLU A 594 6.99 -8.02 9.60
CA GLU A 594 5.69 -7.44 9.23
C GLU A 594 4.52 -8.35 9.61
N GLN A 595 4.69 -9.26 10.54
CA GLN A 595 3.80 -10.41 10.59
C GLN A 595 2.98 -10.57 11.85
N LEU A 596 3.51 -10.18 13.01
CA LEU A 596 2.82 -10.28 14.31
C LEU A 596 2.53 -11.70 14.77
N LEU A 597 2.64 -11.92 16.07
CA LEU A 597 2.40 -13.24 16.64
C LEU A 597 0.89 -13.48 16.67
N GLU A 598 0.47 -14.47 17.43
CA GLU A 598 -0.94 -14.78 17.61
C GLU A 598 -1.40 -14.63 19.05
N SER A 599 -0.52 -14.97 19.98
CA SER A 599 -0.67 -14.63 21.40
C SER A 599 -0.68 -13.12 21.61
N GLN A 600 0.08 -12.38 20.80
CA GLN A 600 0.17 -10.93 20.94
C GLN A 600 -1.09 -10.24 20.41
N VAL A 601 -1.58 -10.66 19.25
CA VAL A 601 -2.84 -10.14 18.73
C VAL A 601 -3.97 -10.37 19.72
N THR A 602 -4.10 -11.61 20.22
CA THR A 602 -5.17 -11.94 21.17
C THR A 602 -5.12 -11.05 22.40
N GLN A 603 -3.91 -10.65 22.83
CA GLN A 603 -3.71 -9.89 24.06
C GLN A 603 -3.93 -8.39 23.87
N VAL A 604 -3.25 -7.79 22.87
CA VAL A 604 -3.32 -6.33 22.60
C VAL A 604 -4.76 -5.85 22.52
N ILE A 605 -5.66 -6.70 22.05
CA ILE A 605 -7.01 -6.32 21.69
C ILE A 605 -7.96 -6.60 22.85
N THR A 606 -7.67 -7.66 23.61
CA THR A 606 -8.42 -7.88 24.85
C THR A 606 -8.12 -6.84 25.92
N GLU A 607 -6.97 -6.17 25.83
CA GLU A 607 -6.58 -5.12 26.76
C GLU A 607 -6.92 -3.72 26.25
N MSE A 608 -6.93 -3.52 24.94
CA MSE A 608 -7.30 -2.23 24.36
C MSE A 608 -8.80 -2.05 24.43
O MSE A 608 -9.33 -0.97 24.69
CB MSE A 608 -6.82 -2.14 22.93
CG MSE A 608 -7.05 -0.82 22.31
SE MSE A 608 -6.86 -0.96 20.40
CE MSE A 608 -4.94 -1.23 20.44
N LEU A 609 -9.50 -3.14 24.15
CA LEU A 609 -10.90 -3.20 24.50
C LEU A 609 -11.02 -3.42 26.00
N SER A 610 -12.25 -3.53 26.46
CA SER A 610 -12.54 -3.72 27.87
C SER A 610 -12.21 -2.45 28.63
N LYS A 611 -11.28 -1.65 28.09
CA LYS A 611 -11.11 -0.29 28.58
C LYS A 611 -12.28 0.54 28.12
N GLU A 612 -12.66 0.34 26.88
CA GLU A 612 -13.67 1.13 26.22
C GLU A 612 -15.05 0.50 26.30
N LEU A 613 -15.10 -0.78 26.64
CA LEU A 613 -16.37 -1.50 26.65
C LEU A 613 -17.47 -0.85 27.49
N PRO A 614 -17.21 -0.24 28.65
CA PRO A 614 -18.33 0.40 29.38
C PRO A 614 -18.93 1.57 28.63
N GLU A 615 -18.14 2.27 27.81
CA GLU A 615 -18.65 3.40 27.03
C GLU A 615 -19.49 2.93 25.86
N ILE A 616 -19.22 1.73 25.37
CA ILE A 616 -20.00 1.20 24.26
C ILE A 616 -21.36 0.79 24.83
N LYS A 617 -22.37 1.53 24.46
CA LYS A 617 -23.67 1.45 25.10
C LYS A 617 -24.56 0.40 24.49
N LYS A 618 -23.98 -0.50 23.70
CA LYS A 618 -24.71 -1.65 23.25
C LYS A 618 -24.09 -2.93 23.73
N GLN A 619 -24.91 -3.96 23.73
CA GLN A 619 -24.41 -5.29 23.50
C GLN A 619 -23.64 -5.25 22.20
N VAL A 620 -22.42 -5.76 22.21
CA VAL A 620 -21.53 -5.58 21.08
C VAL A 620 -21.52 -6.86 20.26
N GLN A 621 -22.18 -6.90 19.08
CA GLN A 621 -22.28 -8.21 18.41
C GLN A 621 -21.93 -8.27 16.93
N ARG A 622 -21.24 -7.29 16.35
CA ARG A 622 -20.67 -7.55 15.04
C ARG A 622 -19.31 -6.86 15.01
N VAL A 623 -18.23 -7.61 15.24
CA VAL A 623 -16.89 -7.04 15.17
C VAL A 623 -16.24 -7.32 13.82
N VAL A 624 -15.43 -6.38 13.35
CA VAL A 624 -14.66 -6.50 12.11
C VAL A 624 -13.21 -6.14 12.39
N ILE A 625 -12.31 -6.70 11.59
CA ILE A 625 -10.91 -6.30 11.57
C ILE A 625 -10.58 -5.90 10.15
N HIS A 626 -9.75 -4.87 9.97
CA HIS A 626 -9.15 -4.53 8.69
C HIS A 626 -7.65 -4.74 8.80
N ARG A 627 -7.06 -5.48 7.88
CA ARG A 627 -5.63 -5.68 7.87
C ARG A 627 -5.02 -4.94 6.71
N ASP A 628 -3.89 -4.32 6.96
CA ASP A 628 -3.12 -3.62 5.95
C ASP A 628 -2.19 -4.69 5.39
N GLY A 629 -2.64 -5.32 4.31
CA GLY A 629 -1.84 -6.30 3.63
C GLY A 629 -2.41 -7.70 3.76
N ARG A 630 -1.52 -8.70 3.82
CA ARG A 630 -1.90 -10.10 3.95
C ARG A 630 -2.17 -10.42 5.41
N ALA A 631 -3.33 -11.00 5.70
CA ALA A 631 -3.71 -11.36 7.06
C ALA A 631 -3.23 -12.79 7.35
N TRP A 632 -2.08 -12.91 8.00
CA TRP A 632 -1.49 -14.22 8.19
C TRP A 632 -2.29 -15.04 9.20
N PRO A 633 -2.40 -16.36 8.99
CA PRO A 633 -3.37 -17.15 9.79
C PRO A 633 -3.02 -17.23 11.26
N ALA A 634 -1.78 -16.90 11.62
CA ALA A 634 -1.44 -16.63 13.02
C ALA A 634 -2.38 -15.57 13.60
N GLU A 635 -2.48 -14.43 12.90
CA GLU A 635 -3.28 -13.30 13.37
C GLU A 635 -4.76 -13.69 13.47
N ILE A 636 -5.30 -14.33 12.44
CA ILE A 636 -6.72 -14.69 12.41
C ILE A 636 -7.05 -15.67 13.53
N ALA A 637 -6.05 -16.41 14.02
CA ALA A 637 -6.28 -17.34 15.12
C ALA A 637 -6.73 -16.58 16.35
N GLY A 638 -5.82 -15.76 16.90
CA GLY A 638 -6.17 -14.99 18.08
C GLY A 638 -7.36 -14.08 17.86
N ALA A 639 -7.59 -13.67 16.62
CA ALA A 639 -8.72 -12.79 16.33
C ALA A 639 -10.03 -13.42 16.77
N ARG A 640 -10.31 -14.66 16.34
CA ARG A 640 -11.54 -15.29 16.86
C ARG A 640 -11.39 -15.70 18.32
N LYS A 641 -10.18 -16.09 18.74
CA LYS A 641 -10.03 -16.48 20.14
C LYS A 641 -10.33 -15.29 21.04
N THR A 642 -9.89 -14.10 20.66
CA THR A 642 -10.17 -12.91 21.46
C THR A 642 -11.67 -12.78 21.74
N PHE A 643 -12.47 -12.82 20.68
CA PHE A 643 -13.90 -12.54 20.81
C PHE A 643 -14.69 -13.75 21.25
N ALA A 644 -14.21 -14.96 20.95
CA ALA A 644 -14.83 -16.14 21.54
C ALA A 644 -14.75 -16.05 23.06
N ASP A 645 -13.58 -15.67 23.58
CA ASP A 645 -13.37 -15.56 25.02
C ASP A 645 -14.31 -14.53 25.63
N MSE A 646 -14.48 -13.38 24.99
CA MSE A 646 -15.39 -12.34 25.44
C MSE A 646 -16.85 -12.77 25.25
O MSE A 646 -17.78 -12.17 25.82
CB MSE A 646 -15.15 -11.02 24.70
CG MSE A 646 -13.88 -10.25 25.13
SE MSE A 646 -13.36 -8.65 24.08
CE MSE A 646 -11.75 -8.14 25.04
N ALA A 647 -17.05 -13.82 24.43
CA ALA A 647 -18.38 -14.39 24.28
C ALA A 647 -18.72 -15.29 25.45
N GLU A 648 -17.72 -15.84 26.12
CA GLU A 648 -17.98 -16.51 27.39
C GLU A 648 -18.34 -15.52 28.47
N SER A 649 -17.49 -14.50 28.66
CA SER A 649 -17.56 -13.68 29.87
C SER A 649 -18.90 -12.97 29.98
N GLY A 650 -19.29 -12.23 28.94
CA GLY A 650 -20.53 -11.49 28.97
C GLY A 650 -20.32 -10.09 28.44
N LEU A 651 -19.06 -9.80 28.10
CA LEU A 651 -18.70 -8.55 27.43
C LEU A 651 -19.38 -8.39 26.07
N ILE A 652 -19.78 -9.50 25.48
CA ILE A 652 -20.42 -9.52 24.17
C ILE A 652 -21.77 -10.23 24.35
N ALA A 653 -22.65 -10.12 23.35
CA ALA A 653 -23.71 -11.10 23.23
C ALA A 653 -23.01 -12.46 23.12
N VAL A 654 -23.68 -13.56 23.44
CA VAL A 654 -22.92 -14.81 23.36
C VAL A 654 -22.61 -15.15 21.89
N ASP A 655 -23.49 -14.73 20.98
CA ASP A 655 -23.39 -15.02 19.55
C ASP A 655 -22.69 -13.89 18.79
N ALA A 656 -21.47 -13.59 19.19
CA ALA A 656 -20.70 -12.62 18.44
C ALA A 656 -20.34 -13.21 17.10
N ASP A 657 -20.00 -12.35 16.15
CA ASP A 657 -19.47 -12.86 14.89
C ASP A 657 -18.38 -11.92 14.39
N VAL A 658 -17.14 -12.39 14.50
CA VAL A 658 -15.98 -11.65 14.05
C VAL A 658 -15.80 -11.87 12.57
N SER A 659 -15.09 -10.97 11.90
CA SER A 659 -14.83 -11.07 10.47
C SER A 659 -13.50 -10.38 10.19
N VAL A 660 -12.60 -11.05 9.44
CA VAL A 660 -11.31 -10.45 9.04
C VAL A 660 -11.40 -10.05 7.59
N PHE A 661 -10.82 -8.89 7.26
CA PHE A 661 -10.75 -8.43 5.90
C PHE A 661 -9.37 -7.85 5.66
N GLU A 662 -8.97 -7.85 4.40
CA GLU A 662 -7.68 -7.38 3.97
C GLU A 662 -7.90 -6.21 3.04
N VAL A 663 -7.38 -5.05 3.39
CA VAL A 663 -7.50 -3.86 2.54
C VAL A 663 -6.23 -3.70 1.74
N LEU A 664 -6.36 -3.88 0.44
CA LEU A 664 -5.24 -3.89 -0.48
C LEU A 664 -5.12 -2.50 -1.09
N LYS A 665 -4.28 -1.68 -0.48
CA LYS A 665 -3.99 -0.37 -1.06
C LYS A 665 -3.09 -0.50 -2.25
N SER A 666 -2.38 -1.63 -2.36
CA SER A 666 -1.63 -2.04 -3.55
C SER A 666 -2.30 -3.33 -3.99
N SER A 667 -3.20 -3.24 -4.93
CA SER A 667 -4.14 -4.35 -5.08
C SER A 667 -3.58 -5.45 -5.99
N PRO A 668 -3.64 -6.73 -5.59
CA PRO A 668 -3.01 -7.77 -6.40
C PRO A 668 -3.57 -7.86 -7.81
N ALA A 669 -4.88 -7.58 -7.97
CA ALA A 669 -5.56 -7.58 -9.27
C ALA A 669 -6.31 -6.27 -9.45
N PRO A 670 -5.64 -5.22 -9.91
CA PRO A 670 -6.27 -3.91 -10.00
C PRO A 670 -7.36 -3.81 -11.05
N LEU A 671 -8.13 -2.75 -10.93
CA LEU A 671 -9.28 -2.50 -11.78
C LEU A 671 -9.59 -1.01 -11.74
N ARG A 672 -10.24 -0.52 -12.79
CA ARG A 672 -10.76 0.84 -12.87
C ARG A 672 -12.26 0.80 -13.14
N LEU A 673 -12.99 1.81 -12.72
CA LEU A 673 -14.39 1.86 -13.13
C LEU A 673 -14.63 3.18 -13.81
N PHE A 674 -15.35 3.17 -14.92
CA PHE A 674 -15.61 4.42 -15.62
C PHE A 674 -17.11 4.70 -15.60
N SER A 675 -17.47 5.86 -16.11
CA SER A 675 -18.83 6.11 -16.60
C SER A 675 -18.71 7.32 -17.50
N PHE A 676 -19.86 7.77 -18.01
CA PHE A 676 -19.82 8.49 -19.26
C PHE A 676 -20.70 9.71 -19.28
N GLU A 677 -20.43 10.49 -20.32
CA GLU A 677 -20.75 11.89 -20.47
C GLU A 677 -20.73 12.14 -21.95
N GLU A 678 -21.81 12.74 -22.48
CA GLU A 678 -21.98 12.87 -23.92
C GLU A 678 -20.67 13.34 -24.56
N PRO A 679 -20.03 12.51 -25.45
CA PRO A 679 -18.68 12.85 -25.93
C PRO A 679 -18.58 14.26 -26.43
N THR A 680 -17.86 15.07 -25.68
CA THR A 680 -17.64 16.46 -26.02
C THR A 680 -16.28 16.55 -26.68
N GLN A 681 -16.26 16.83 -27.99
CA GLN A 681 -15.20 17.62 -28.61
C GLN A 681 -13.84 17.26 -28.00
N GLU A 682 -13.63 17.85 -26.82
CA GLU A 682 -12.55 17.60 -25.87
C GLU A 682 -12.25 16.11 -25.79
N ASN A 683 -13.23 15.40 -25.26
CA ASN A 683 -13.19 14.00 -24.88
C ASN A 683 -13.87 13.17 -25.94
N PRO A 684 -13.11 12.48 -26.81
CA PRO A 684 -13.75 11.71 -27.88
C PRO A 684 -14.73 10.70 -27.37
N LYS A 685 -14.33 9.87 -26.42
CA LYS A 685 -15.20 8.80 -26.00
C LYS A 685 -15.86 9.08 -24.66
N GLY A 686 -15.77 10.32 -24.18
CA GLY A 686 -16.63 10.78 -23.11
C GLY A 686 -16.50 10.06 -21.80
N VAL A 687 -15.27 9.78 -21.37
CA VAL A 687 -15.03 8.93 -20.21
C VAL A 687 -14.62 9.79 -19.02
N ILE A 688 -15.44 9.76 -17.97
CA ILE A 688 -15.15 10.46 -16.72
C ILE A 688 -14.97 9.41 -15.64
N ASN A 689 -14.72 9.85 -14.43
CA ASN A 689 -14.58 9.00 -13.27
C ASN A 689 -15.94 8.48 -12.79
N PRO A 690 -15.96 7.35 -12.08
CA PRO A 690 -17.22 6.89 -11.51
C PRO A 690 -17.55 7.74 -10.30
N VAL A 691 -18.86 7.88 -10.04
CA VAL A 691 -19.32 8.75 -8.98
C VAL A 691 -18.96 8.16 -7.62
N LEU A 692 -18.81 9.04 -6.62
CA LEU A 692 -17.98 8.70 -5.46
C LEU A 692 -18.43 7.44 -4.72
N GLY A 693 -19.68 7.08 -4.75
CA GLY A 693 -19.95 5.89 -3.98
C GLY A 693 -19.93 4.58 -4.74
N SER A 694 -19.48 4.61 -5.99
CA SER A 694 -19.59 3.45 -6.87
C SER A 694 -18.89 2.21 -6.30
N TRP A 695 -19.48 1.04 -6.53
CA TRP A 695 -18.91 -0.16 -5.95
C TRP A 695 -19.26 -1.37 -6.80
N LEU A 696 -18.46 -2.43 -6.66
CA LEU A 696 -18.61 -3.61 -7.50
C LEU A 696 -18.18 -4.86 -6.77
N LYS A 697 -19.04 -5.87 -6.74
CA LYS A 697 -18.64 -7.14 -6.13
C LYS A 697 -18.48 -8.17 -7.23
N LEU A 698 -17.34 -8.85 -7.20
CA LEU A 698 -17.00 -9.85 -8.20
C LEU A 698 -17.36 -11.22 -7.68
N SER A 699 -16.64 -11.61 -6.66
CA SER A 699 -16.88 -12.77 -5.85
C SER A 699 -17.59 -12.41 -4.55
N GLU A 700 -17.87 -13.45 -3.76
CA GLU A 700 -18.21 -13.28 -2.35
C GLU A 700 -17.01 -12.90 -1.52
N ASN A 701 -15.80 -12.97 -2.09
CA ASN A 701 -14.61 -12.59 -1.36
C ASN A 701 -13.89 -11.35 -1.90
N ASP A 702 -14.31 -10.79 -3.03
CA ASP A 702 -13.57 -9.69 -3.64
C ASP A 702 -14.55 -8.63 -4.12
N GLY A 703 -14.27 -7.38 -3.75
CA GLY A 703 -15.02 -6.25 -4.28
C GLY A 703 -14.16 -5.01 -4.25
N TYR A 704 -14.66 -3.95 -4.88
CA TYR A 704 -13.98 -2.67 -4.93
C TYR A 704 -14.94 -1.53 -4.60
N ILE A 705 -14.45 -0.54 -3.83
CA ILE A 705 -15.27 0.64 -3.54
C ILE A 705 -14.51 1.80 -4.13
N CYS A 706 -15.23 2.80 -4.63
CA CYS A 706 -14.65 4.10 -4.91
C CYS A 706 -14.62 4.91 -3.63
N THR A 707 -13.53 4.88 -2.90
CA THR A 707 -13.52 5.82 -1.80
C THR A 707 -13.18 7.21 -2.29
N THR A 708 -12.64 7.27 -3.51
CA THR A 708 -12.24 8.46 -4.23
C THR A 708 -12.91 8.45 -5.59
N GLY A 709 -13.55 9.53 -5.98
CA GLY A 709 -14.43 9.42 -7.12
C GLY A 709 -14.83 10.75 -7.66
N ALA A 710 -15.94 10.74 -8.37
CA ALA A 710 -16.17 11.74 -9.42
C ALA A 710 -16.27 13.18 -8.93
N PRO A 711 -17.10 13.53 -7.95
CA PRO A 711 -17.33 14.98 -7.69
C PRO A 711 -16.12 15.67 -7.09
N LEU A 712 -15.30 14.93 -6.34
CA LEU A 712 -14.24 15.48 -5.52
C LEU A 712 -12.85 15.06 -5.93
N LEU A 713 -12.68 14.37 -7.06
CA LEU A 713 -11.31 14.13 -7.50
C LEU A 713 -10.73 15.36 -8.15
N LEU A 714 -9.43 15.56 -7.94
CA LEU A 714 -8.87 16.78 -8.49
C LEU A 714 -8.25 16.55 -9.87
N GLN A 715 -7.53 15.46 -10.07
CA GLN A 715 -7.09 15.09 -11.41
C GLN A 715 -6.52 13.69 -11.37
N GLY A 716 -6.50 13.05 -12.53
CA GLY A 716 -6.19 11.64 -12.63
C GLY A 716 -7.46 10.84 -12.80
N THR A 717 -7.34 9.53 -12.58
CA THR A 717 -8.48 8.60 -12.54
C THR A 717 -8.56 7.92 -11.19
N ALA A 718 -9.79 7.66 -10.77
CA ALA A 718 -10.06 7.06 -9.48
C ALA A 718 -9.56 5.62 -9.40
N ASP A 719 -8.97 5.27 -8.25
CA ASP A 719 -8.34 3.98 -7.97
C ASP A 719 -9.21 3.17 -7.03
N PRO A 720 -10.16 2.36 -7.54
CA PRO A 720 -11.02 1.59 -6.65
C PRO A 720 -10.22 0.81 -5.61
N LEU A 721 -10.73 0.79 -4.39
CA LEU A 721 -10.02 0.16 -3.28
C LEU A 721 -10.42 -1.30 -3.23
N HIS A 722 -9.43 -2.17 -3.34
CA HIS A 722 -9.67 -3.60 -3.33
C HIS A 722 -9.68 -4.09 -1.88
N VAL A 723 -10.84 -4.59 -1.41
CA VAL A 723 -10.90 -5.33 -0.16
C VAL A 723 -11.19 -6.80 -0.47
N ARG A 724 -10.66 -7.67 0.37
CA ARG A 724 -10.72 -9.12 0.17
C ARG A 724 -11.18 -9.77 1.47
N LYS A 725 -12.29 -10.51 1.42
CA LYS A 725 -12.68 -11.28 2.61
C LYS A 725 -11.66 -12.36 2.96
N ALA A 726 -11.47 -12.59 4.29
CA ALA A 726 -10.48 -13.52 4.80
C ALA A 726 -11.04 -14.55 5.77
N PHE A 727 -11.98 -14.16 6.62
CA PHE A 727 -12.73 -15.11 7.46
C PHE A 727 -14.06 -14.47 7.84
N GLY A 728 -14.98 -15.28 8.34
CA GLY A 728 -16.08 -14.77 9.10
C GLY A 728 -17.30 -14.42 8.25
N PRO A 729 -18.40 -14.15 8.93
CA PRO A 729 -19.73 -14.28 8.33
C PRO A 729 -20.30 -13.04 7.67
N MSE A 730 -19.54 -11.96 7.51
CA MSE A 730 -20.19 -10.72 7.10
C MSE A 730 -20.30 -10.56 5.60
O MSE A 730 -19.33 -10.71 4.89
CB MSE A 730 -19.45 -9.51 7.67
CG MSE A 730 -20.12 -8.19 7.31
SE MSE A 730 -19.23 -6.58 7.97
CE MSE A 730 -19.94 -6.70 9.76
N ALA A 731 -21.51 -10.26 5.12
CA ALA A 731 -21.72 -9.95 3.73
C ALA A 731 -20.65 -8.98 3.25
N ILE A 732 -20.05 -9.28 2.09
CA ILE A 732 -18.97 -8.41 1.61
C ILE A 732 -19.55 -7.09 1.13
N GLU A 733 -20.82 -7.07 0.70
CA GLU A 733 -21.45 -5.80 0.29
C GLU A 733 -21.59 -4.85 1.48
N ASP A 734 -21.89 -5.40 2.65
CA ASP A 734 -21.92 -4.66 3.92
C ASP A 734 -20.54 -4.14 4.28
N ALA A 735 -19.51 -4.96 4.12
CA ALA A 735 -18.16 -4.53 4.43
C ALA A 735 -17.73 -3.38 3.52
N LEU A 736 -17.98 -3.51 2.21
CA LEU A 736 -17.67 -2.42 1.30
C LEU A 736 -18.46 -1.16 1.65
N LYS A 737 -19.70 -1.32 2.12
CA LYS A 737 -20.53 -0.14 2.38
C LYS A 737 -20.03 0.64 3.58
N ASP A 738 -19.57 -0.02 4.63
CA ASP A 738 -19.12 0.81 5.73
C ASP A 738 -17.60 1.05 5.73
N VAL A 739 -16.86 0.38 4.83
CA VAL A 739 -15.54 0.91 4.48
C VAL A 739 -15.66 2.23 3.75
N PHE A 740 -16.69 2.38 2.92
CA PHE A 740 -16.99 3.68 2.34
C PHE A 740 -17.42 4.68 3.40
N ASP A 741 -18.28 4.26 4.35
CA ASP A 741 -18.67 5.19 5.40
C ASP A 741 -17.46 5.59 6.27
N LEU A 742 -16.60 4.63 6.62
CA LEU A 742 -15.37 4.94 7.36
C LEU A 742 -14.37 5.77 6.58
N SER A 743 -14.51 5.86 5.28
CA SER A 743 -13.63 6.69 4.47
C SER A 743 -14.22 8.05 4.24
N CYS A 744 -15.38 8.32 4.81
CA CYS A 744 -16.00 9.64 4.73
C CYS A 744 -15.74 10.46 5.96
N LEU A 745 -15.12 9.86 6.99
CA LEU A 745 -14.64 10.58 8.15
C LEU A 745 -13.30 11.21 7.79
N THR A 746 -13.35 12.29 7.02
CA THR A 746 -12.13 12.84 6.40
C THR A 746 -11.42 13.78 7.38
N TRP A 747 -10.97 13.24 8.51
CA TRP A 747 -10.53 14.11 9.61
C TRP A 747 -9.32 14.96 9.26
N PRO A 748 -8.20 14.43 8.73
CA PRO A 748 -7.02 15.30 8.51
C PRO A 748 -7.19 16.36 7.42
N LYS A 749 -8.19 16.25 6.52
CA LYS A 749 -8.48 17.25 5.50
C LYS A 749 -9.96 17.13 5.11
N PRO A 750 -10.88 17.70 5.92
CA PRO A 750 -12.32 17.56 5.65
C PRO A 750 -12.80 17.76 4.22
N ASP A 751 -12.57 18.90 3.55
CA ASP A 751 -13.07 19.04 2.18
C ASP A 751 -12.04 18.48 1.21
N SER A 752 -12.10 17.17 1.04
CA SER A 752 -11.24 16.33 0.23
C SER A 752 -11.74 14.91 0.37
N CYS A 753 -11.41 14.06 -0.59
CA CYS A 753 -11.83 12.68 -0.51
C CYS A 753 -10.65 11.82 -0.09
N MSE A 754 -10.93 10.91 0.82
CA MSE A 754 -9.85 10.18 1.44
C MSE A 754 -10.01 8.76 0.93
O MSE A 754 -11.13 8.28 0.73
CB MSE A 754 -9.94 10.34 2.96
CG MSE A 754 -8.92 9.59 3.77
SE MSE A 754 -9.24 9.94 5.64
CE MSE A 754 -10.96 9.01 5.68
N ARG A 755 -8.89 8.11 0.61
CA ARG A 755 -9.00 6.84 -0.07
C ARG A 755 -9.06 5.68 0.89
N LEU A 756 -8.42 5.81 2.08
CA LEU A 756 -8.47 4.70 3.03
C LEU A 756 -9.53 4.93 4.12
N PRO A 757 -10.12 3.85 4.65
CA PRO A 757 -11.02 4.01 5.79
C PRO A 757 -10.24 4.48 7.00
N LEU A 758 -10.95 5.18 7.88
CA LEU A 758 -10.29 5.80 9.01
C LEU A 758 -9.44 4.81 9.77
N THR A 759 -9.84 3.53 9.75
CA THR A 759 -9.17 2.51 10.54
C THR A 759 -7.71 2.36 10.12
N ILE A 760 -7.48 2.04 8.85
CA ILE A 760 -6.11 1.77 8.44
C ILE A 760 -5.41 3.06 8.03
N LYS A 761 -6.16 4.15 7.84
CA LYS A 761 -5.51 5.44 7.65
C LYS A 761 -4.76 5.87 8.87
N LEU A 762 -5.35 5.65 10.05
CA LEU A 762 -4.63 5.93 11.29
C LEU A 762 -3.47 4.98 11.47
N CYS A 763 -3.55 3.76 10.96
CA CYS A 763 -2.43 2.85 11.06
C CYS A 763 -1.20 3.41 10.35
N ASP A 764 -1.41 4.31 9.38
CA ASP A 764 -0.38 4.79 8.46
C ASP A 764 0.22 6.11 8.88
N ILE A 765 -0.60 7.02 9.42
CA ILE A 765 -0.12 8.25 10.06
C ILE A 765 0.55 7.94 11.40
N ALA A 766 0.12 6.87 12.09
CA ALA A 766 0.64 6.58 13.43
C ALA A 766 2.08 6.07 13.37
N LEU A 767 2.50 5.47 12.26
CA LEU A 767 3.90 5.14 12.00
C LEU A 767 4.52 6.03 10.92
N PHE A 768 3.98 7.22 10.69
CA PHE A 768 4.55 8.24 9.82
C PHE A 768 4.88 7.74 8.40
#